data_1AMI
#
_entry.id   1AMI
#
_cell.length_a   185.900
_cell.length_b   71.800
_cell.length_c   73.200
_cell.angle_alpha   90.00
_cell.angle_beta   90.00
_cell.angle_gamma   77.70
#
_symmetry.space_group_name_H-M   'B 1 1 2'
#
loop_
_entity.id
_entity.type
_entity.pdbx_description
1 polymer ACONITASE
2 non-polymer 'IRON/SULFUR CLUSTER'
3 non-polymer 'ALPHA-METHYLISOCITRIC ACID'
4 water water
#
_entity_poly.entity_id   1
_entity_poly.type   'polypeptide(L)'
_entity_poly.pdbx_seq_one_letter_code
;QRAKVAMSHFEPHEYIRYDLLEKNIDIVRKRLNRPLTLSEKIVYGHLDDPANQEIERGKTYLRLRPDRVAMQDATAQMAM
LQFISSGLPKVAVPSTIHCDHLIEAQLGGEKDLRRAKDINQEVYNFLATAGAKYGVGFWRPGSGIIHQIILENYAYPGVL
LIGTDSHTPNGGGLGGICIGVGGADAVDVMAGIPWELKCPKVIGVKLTGSLSGWTSPKDVILKVAGILTVKGGTGAIVEY
HGPGVDSISCTGMATICNMGAEIGATTSVFPYNHRMKKYLSKTGRADIANLADEFKDHLVPDSGCHYDQLIEINLSELKP
HINGPFTPDLAHPVAEVGSVAEKEGWPLDIRVGLIGSCTNSSYEDMGRSAAVAKQALAHGLKCKSQFTITPGSEQIRATI
ERDGYAQVLRDVGGIVLANACGPCIGQWDRKDIKKGEKNTIVTSYNRNFTGRNDANPETHAFVTSPEIVTALAIAGTLKF
NPETDFLTGKDGKKFKLEAPDADELPRAEFDPGQDTYQHPPKDSSGQRVDVSPTSQRLQLLEPFDKWDGKDLEDLQILIK
VKGKCTTDHISAAGPWLKFRGHLDNISNNLLIGAINSENRKANSVRNAVTQEFGPVPDTARYYKQHGIRWVVIGDENYGE
GSSREHSALEPRFLGGRAIITKSFARIHETNLKKQGLLPLTFADPADYNKIHPVDKLTIQGLKDFAPGKPLTCIIKHPNG
TQETILLNHTFNETQIEWFRAGSALNRMKELQQK
;
_entity_poly.pdbx_strand_id   A
#
# COMPACT_ATOMS: atom_id res chain seq x y z
N ARG A 2 18.74 18.09 -24.46
CA ARG A 2 17.33 18.33 -24.67
C ARG A 2 17.19 19.51 -23.71
N ALA A 3 16.12 19.46 -22.94
CA ALA A 3 15.81 20.37 -21.89
C ALA A 3 16.60 19.76 -20.70
N LYS A 4 16.97 20.58 -19.73
CA LYS A 4 17.62 20.11 -18.56
C LYS A 4 16.68 20.56 -17.46
N VAL A 5 15.64 19.78 -17.18
CA VAL A 5 14.68 20.14 -16.17
C VAL A 5 14.87 19.08 -15.07
N ALA A 6 15.16 19.51 -13.86
CA ALA A 6 15.45 18.60 -12.77
C ALA A 6 14.21 17.85 -12.31
N MET A 7 14.42 16.64 -11.80
CA MET A 7 13.36 15.77 -11.28
C MET A 7 12.65 16.33 -10.06
N SER A 8 13.34 17.14 -9.26
CA SER A 8 12.71 17.81 -8.12
C SER A 8 13.58 18.98 -7.70
N HIS A 9 13.10 19.72 -6.71
CA HIS A 9 13.84 20.82 -6.11
C HIS A 9 15.02 20.36 -5.29
N PHE A 10 15.07 19.10 -4.93
CA PHE A 10 16.14 18.61 -4.09
C PHE A 10 17.21 17.94 -4.91
N GLU A 11 17.00 17.67 -6.21
CA GLU A 11 18.01 16.98 -7.00
C GLU A 11 18.22 17.76 -8.28
N PRO A 12 18.93 18.90 -8.20
CA PRO A 12 18.99 19.90 -9.28
C PRO A 12 19.72 19.46 -10.54
N HIS A 13 20.38 18.33 -10.41
CA HIS A 13 21.31 17.73 -11.35
C HIS A 13 20.79 16.39 -11.90
N GLU A 14 19.58 15.98 -11.51
CA GLU A 14 19.02 14.72 -11.96
C GLU A 14 17.99 15.18 -12.95
N TYR A 15 18.11 14.93 -14.24
CA TYR A 15 17.14 15.51 -15.19
C TYR A 15 16.07 14.55 -15.64
N ILE A 16 14.88 15.03 -15.95
CA ILE A 16 13.78 14.24 -16.49
C ILE A 16 14.17 13.79 -17.88
N ARG A 17 14.00 12.52 -18.21
CA ARG A 17 14.45 11.98 -19.47
C ARG A 17 13.31 11.60 -20.39
N TYR A 18 12.50 12.56 -20.77
CA TYR A 18 11.40 12.30 -21.70
C TYR A 18 11.91 11.97 -23.10
N ASP A 19 13.14 12.34 -23.43
CA ASP A 19 13.78 12.01 -24.70
C ASP A 19 14.00 10.49 -24.81
N LEU A 20 14.43 9.93 -23.69
CA LEU A 20 14.60 8.51 -23.46
C LEU A 20 13.26 7.80 -23.55
N LEU A 21 12.23 8.32 -22.86
CA LEU A 21 10.90 7.73 -22.90
C LEU A 21 10.38 7.65 -24.36
N GLU A 22 10.49 8.74 -25.12
CA GLU A 22 10.06 8.81 -26.50
C GLU A 22 10.81 7.83 -27.35
N LYS A 23 12.13 7.82 -27.24
CA LYS A 23 12.92 6.88 -28.00
C LYS A 23 12.52 5.44 -27.77
N ASN A 24 12.26 5.09 -26.51
CA ASN A 24 11.88 3.72 -26.21
C ASN A 24 10.49 3.38 -26.67
N ILE A 25 9.50 4.27 -26.52
CA ILE A 25 8.13 4.11 -27.00
C ILE A 25 8.16 3.86 -28.50
N ASP A 26 9.00 4.64 -29.20
CA ASP A 26 9.07 4.45 -30.62
C ASP A 26 9.77 3.19 -31.02
N ILE A 27 10.77 2.65 -30.34
CA ILE A 27 11.28 1.32 -30.69
C ILE A 27 10.17 0.25 -30.51
N VAL A 28 9.43 0.33 -29.42
CA VAL A 28 8.39 -0.64 -29.09
C VAL A 28 7.20 -0.57 -30.06
N ARG A 29 6.67 0.62 -30.40
CA ARG A 29 5.51 0.64 -31.27
C ARG A 29 5.90 0.23 -32.66
N LYS A 30 7.15 0.33 -33.11
CA LYS A 30 7.54 -0.20 -34.40
C LYS A 30 7.53 -1.72 -34.36
N ARG A 31 7.76 -2.31 -33.19
CA ARG A 31 7.67 -3.76 -33.07
C ARG A 31 6.22 -4.21 -32.97
N LEU A 32 5.36 -3.50 -32.24
CA LEU A 32 4.01 -4.01 -32.01
C LEU A 32 2.98 -3.60 -33.04
N ASN A 33 3.18 -2.46 -33.70
CA ASN A 33 2.29 -1.93 -34.73
C ASN A 33 0.86 -1.95 -34.28
N ARG A 34 0.60 -1.38 -33.12
CA ARG A 34 -0.76 -1.26 -32.64
C ARG A 34 -0.74 -0.08 -31.68
N PRO A 35 -1.88 0.55 -31.38
CA PRO A 35 -1.96 1.61 -30.39
C PRO A 35 -1.59 1.08 -29.00
N LEU A 36 -1.00 1.95 -28.21
CA LEU A 36 -0.54 1.61 -26.87
C LEU A 36 -1.40 2.34 -25.88
N THR A 37 -1.78 1.72 -24.76
CA THR A 37 -2.50 2.48 -23.74
C THR A 37 -1.51 3.47 -23.11
N LEU A 38 -1.93 4.40 -22.25
CA LEU A 38 -1.01 5.27 -21.55
C LEU A 38 -0.08 4.47 -20.62
N SER A 39 -0.56 3.44 -19.92
CA SER A 39 0.30 2.71 -18.99
C SER A 39 1.31 1.94 -19.80
N GLU A 40 0.96 1.43 -21.00
CA GLU A 40 1.94 0.78 -21.86
C GLU A 40 2.97 1.78 -22.32
N LYS A 41 2.61 3.01 -22.67
CA LYS A 41 3.63 3.96 -23.06
C LYS A 41 4.65 4.20 -21.92
N ILE A 42 4.19 4.44 -20.69
CA ILE A 42 5.14 4.75 -19.60
C ILE A 42 5.91 3.53 -19.16
N VAL A 43 5.27 2.39 -19.05
CA VAL A 43 5.99 1.20 -18.65
C VAL A 43 6.95 0.74 -19.76
N TYR A 44 6.52 0.59 -21.03
CA TYR A 44 7.44 0.10 -22.06
C TYR A 44 8.48 1.16 -22.38
N GLY A 45 8.17 2.44 -22.15
CA GLY A 45 9.15 3.51 -22.34
C GLY A 45 10.26 3.41 -21.30
N HIS A 46 10.13 2.60 -20.23
CA HIS A 46 11.18 2.44 -19.22
C HIS A 46 11.85 1.08 -19.30
N LEU A 47 11.74 0.36 -20.43
CA LEU A 47 12.36 -0.95 -20.56
C LEU A 47 13.85 -0.82 -20.68
N ASP A 48 14.52 -1.76 -20.06
CA ASP A 48 15.95 -1.86 -20.14
C ASP A 48 16.39 -2.21 -21.56
N ASP A 49 15.65 -3.05 -22.25
CA ASP A 49 16.02 -3.43 -23.60
C ASP A 49 14.78 -3.45 -24.50
N PRO A 50 14.25 -2.31 -24.95
CA PRO A 50 13.02 -2.25 -25.72
C PRO A 50 13.06 -2.97 -27.05
N ALA A 51 14.25 -3.18 -27.64
CA ALA A 51 14.38 -3.88 -28.88
C ALA A 51 14.22 -5.37 -28.75
N ASN A 52 14.58 -5.94 -27.61
CA ASN A 52 14.55 -7.39 -27.47
C ASN A 52 13.54 -7.89 -26.48
N GLN A 53 13.05 -7.07 -25.56
CA GLN A 53 12.05 -7.49 -24.61
C GLN A 53 10.83 -8.15 -25.25
N GLU A 54 10.45 -9.35 -24.77
CA GLU A 54 9.24 -10.10 -25.12
C GLU A 54 8.11 -9.38 -24.40
N ILE A 55 7.03 -8.99 -25.07
CA ILE A 55 5.99 -8.17 -24.49
C ILE A 55 4.66 -8.85 -24.75
N GLU A 56 4.03 -9.49 -23.75
CA GLU A 56 2.69 -10.04 -23.90
C GLU A 56 1.98 -9.72 -22.60
N ARG A 57 0.88 -8.98 -22.62
CA ARG A 57 0.15 -8.61 -21.41
C ARG A 57 -0.24 -9.84 -20.63
N GLY A 58 0.01 -9.82 -19.32
CA GLY A 58 -0.30 -10.93 -18.47
C GLY A 58 0.67 -12.07 -18.60
N LYS A 59 1.71 -12.04 -19.43
CA LYS A 59 2.54 -13.22 -19.59
C LYS A 59 4.01 -13.00 -19.43
N THR A 60 4.64 -12.02 -20.00
CA THR A 60 6.09 -11.93 -19.90
C THR A 60 6.55 -11.10 -18.71
N TYR A 61 7.77 -11.28 -18.23
CA TYR A 61 8.32 -10.44 -17.18
C TYR A 61 9.15 -9.37 -17.86
N LEU A 62 8.79 -8.13 -17.62
CA LEU A 62 9.49 -6.97 -18.15
C LEU A 62 10.67 -6.61 -17.27
N ARG A 63 11.80 -6.22 -17.84
CA ARG A 63 12.98 -5.74 -17.13
C ARG A 63 12.97 -4.25 -17.33
N LEU A 64 12.74 -3.54 -16.23
CA LEU A 64 12.44 -2.12 -16.20
C LEU A 64 13.50 -1.36 -15.45
N ARG A 65 13.63 -0.08 -15.79
CA ARG A 65 14.53 0.83 -15.11
C ARG A 65 13.72 1.93 -14.41
N PRO A 66 13.32 1.84 -13.14
CA PRO A 66 12.63 2.94 -12.45
C PRO A 66 13.49 4.22 -12.31
N ASP A 67 12.83 5.35 -12.27
CA ASP A 67 13.45 6.63 -12.07
C ASP A 67 13.82 6.90 -10.62
N ARG A 68 13.03 6.45 -9.64
CA ARG A 68 13.32 6.74 -8.24
C ARG A 68 12.60 5.74 -7.35
N VAL A 69 13.13 5.72 -6.11
CA VAL A 69 12.69 4.82 -5.04
C VAL A 69 12.25 5.64 -3.82
N ALA A 70 11.09 5.41 -3.21
CA ALA A 70 10.69 6.06 -2.00
C ALA A 70 10.41 4.97 -0.96
N MET A 71 10.79 5.19 0.29
CA MET A 71 10.57 4.25 1.39
C MET A 71 9.96 4.97 2.57
N GLN A 72 9.13 4.35 3.38
CA GLN A 72 8.60 5.01 4.57
C GLN A 72 9.24 4.24 5.74
N ASP A 73 9.28 4.77 6.95
CA ASP A 73 10.10 4.20 8.02
C ASP A 73 9.71 2.86 8.59
N ALA A 74 8.51 2.33 8.38
CA ALA A 74 8.21 1.01 8.83
C ALA A 74 8.74 0.00 7.86
N THR A 75 9.03 0.29 6.59
CA THR A 75 9.59 -0.70 5.67
C THR A 75 11.00 -0.33 5.29
N ALA A 76 11.45 0.90 5.56
CA ALA A 76 12.79 1.30 5.19
C ALA A 76 13.83 0.63 6.02
N GLN A 77 13.51 0.25 7.26
CA GLN A 77 14.55 -0.33 8.13
C GLN A 77 15.10 -1.64 7.58
N MET A 78 14.17 -2.52 7.19
CA MET A 78 14.54 -3.81 6.67
C MET A 78 15.05 -3.69 5.22
N ALA A 79 14.58 -2.71 4.43
CA ALA A 79 15.15 -2.52 3.09
C ALA A 79 16.60 -2.04 3.25
N MET A 80 16.88 -1.13 4.19
CA MET A 80 18.24 -0.68 4.37
C MET A 80 19.10 -1.76 5.02
N LEU A 81 18.63 -2.62 5.94
CA LEU A 81 19.44 -3.71 6.47
C LEU A 81 19.79 -4.67 5.35
N GLN A 82 18.89 -4.96 4.39
CA GLN A 82 19.29 -5.76 3.24
C GLN A 82 20.28 -5.02 2.35
N PHE A 83 20.14 -3.69 2.16
CA PHE A 83 21.11 -2.94 1.36
C PHE A 83 22.47 -2.94 2.02
N ILE A 84 22.52 -2.79 3.35
CA ILE A 84 23.76 -2.94 4.10
C ILE A 84 24.32 -4.35 3.88
N SER A 85 23.62 -5.51 3.87
CA SER A 85 24.26 -6.77 3.52
C SER A 85 24.85 -6.80 2.14
N SER A 86 24.29 -6.13 1.13
CA SER A 86 24.80 -6.18 -0.23
C SER A 86 26.24 -5.69 -0.24
N GLY A 87 26.60 -4.77 0.63
CA GLY A 87 27.95 -4.27 0.68
C GLY A 87 28.16 -3.14 -0.30
N LEU A 88 27.15 -2.81 -1.14
CA LEU A 88 27.30 -1.74 -2.11
C LEU A 88 27.37 -0.34 -1.46
N PRO A 89 28.18 0.61 -1.92
CA PRO A 89 28.47 1.84 -1.22
C PRO A 89 27.48 2.98 -1.30
N LYS A 90 26.62 3.04 -2.31
CA LYS A 90 25.77 4.20 -2.53
C LYS A 90 24.60 3.68 -3.34
N VAL A 91 23.42 4.32 -3.20
CA VAL A 91 22.26 3.97 -4.01
C VAL A 91 22.45 4.50 -5.43
N ALA A 92 21.95 3.79 -6.43
CA ALA A 92 22.15 4.13 -7.82
C ALA A 92 21.10 5.06 -8.38
N VAL A 93 19.92 5.26 -7.77
CA VAL A 93 18.88 6.16 -8.28
C VAL A 93 18.45 7.11 -7.17
N PRO A 94 17.82 8.27 -7.42
CA PRO A 94 17.21 9.12 -6.39
C PRO A 94 16.30 8.29 -5.45
N SER A 95 16.55 8.32 -4.13
CA SER A 95 15.84 7.52 -3.13
C SER A 95 15.53 8.39 -1.94
N THR A 96 14.38 8.23 -1.27
CA THR A 96 14.05 8.98 -0.09
C THR A 96 13.51 8.04 0.99
N ILE A 97 13.67 8.44 2.26
CA ILE A 97 13.02 7.81 3.41
C ILE A 97 12.06 8.81 4.02
N HIS A 98 10.83 8.42 4.40
CA HIS A 98 9.80 9.27 4.95
C HIS A 98 9.43 8.72 6.29
N CYS A 99 9.49 9.52 7.34
CA CYS A 99 9.21 9.03 8.67
C CYS A 99 7.80 9.36 9.09
N ASP A 100 6.85 8.50 8.76
CA ASP A 100 5.44 8.75 8.96
C ASP A 100 4.69 7.67 9.69
N HIS A 101 5.26 6.49 9.90
CA HIS A 101 4.51 5.35 10.42
C HIS A 101 4.64 5.08 11.89
N LEU A 102 5.54 5.78 12.58
CA LEU A 102 5.84 5.40 13.96
C LEU A 102 5.37 6.44 14.94
N ILE A 103 4.50 7.37 14.53
CA ILE A 103 4.03 8.43 15.41
C ILE A 103 2.61 8.05 15.83
N GLU A 104 2.47 7.70 17.11
CA GLU A 104 1.20 7.29 17.73
C GLU A 104 0.28 8.44 18.09
N ALA A 105 -0.98 8.37 17.76
CA ALA A 105 -1.93 9.39 18.11
C ALA A 105 -2.38 9.19 19.55
N GLN A 106 -2.28 10.23 20.35
CA GLN A 106 -2.68 10.15 21.74
C GLN A 106 -3.12 11.52 22.21
N LEU A 107 -2.23 12.49 22.33
CA LEU A 107 -2.47 13.83 22.81
C LEU A 107 -2.79 14.84 21.70
N GLY A 108 -2.53 14.51 20.45
CA GLY A 108 -2.70 15.43 19.34
C GLY A 108 -1.34 16.02 18.96
N GLY A 109 -1.34 16.57 17.74
CA GLY A 109 -0.22 17.20 17.07
C GLY A 109 1.23 17.20 17.58
N GLU A 110 1.61 18.37 18.12
CA GLU A 110 2.98 18.64 18.56
C GLU A 110 3.44 17.77 19.69
N LYS A 111 2.54 17.51 20.63
CA LYS A 111 2.79 16.67 21.75
C LYS A 111 3.08 15.26 21.29
N ASP A 112 2.29 14.68 20.37
CA ASP A 112 2.58 13.33 19.86
C ASP A 112 3.88 13.27 19.09
N LEU A 113 4.21 14.31 18.32
CA LEU A 113 5.47 14.33 17.60
C LEU A 113 6.66 14.37 18.55
N ARG A 114 6.63 15.17 19.60
CA ARG A 114 7.72 15.21 20.58
C ARG A 114 7.97 13.86 21.27
N ARG A 115 6.90 13.21 21.69
CA ARG A 115 6.94 11.90 22.29
C ARG A 115 7.47 10.85 21.31
N ALA A 116 7.03 10.87 20.03
CA ALA A 116 7.52 9.89 19.07
C ALA A 116 9.02 10.07 18.85
N LYS A 117 9.50 11.31 18.80
CA LYS A 117 10.92 11.52 18.62
C LYS A 117 11.76 10.99 19.79
N ASP A 118 11.20 10.95 20.99
CA ASP A 118 11.94 10.41 22.11
C ASP A 118 11.93 8.89 22.09
N ILE A 119 10.73 8.33 22.06
CA ILE A 119 10.50 6.91 21.98
C ILE A 119 11.20 6.26 20.78
N ASN A 120 11.25 6.91 19.61
CA ASN A 120 11.78 6.20 18.44
C ASN A 120 13.14 6.66 18.03
N GLN A 121 13.83 7.35 18.94
CA GLN A 121 15.17 7.88 18.75
C GLN A 121 16.13 6.95 18.05
N GLU A 122 16.20 5.72 18.49
CA GLU A 122 17.12 4.73 17.98
C GLU A 122 16.87 4.47 16.52
N VAL A 123 15.59 4.36 16.19
CA VAL A 123 15.24 4.08 14.82
C VAL A 123 15.41 5.27 13.87
N TYR A 124 14.95 6.47 14.27
CA TYR A 124 15.10 7.65 13.42
C TYR A 124 16.57 7.91 13.22
N ASN A 125 17.38 7.61 14.22
CA ASN A 125 18.83 7.70 14.15
C ASN A 125 19.47 6.81 13.11
N PHE A 126 19.06 5.53 13.15
CA PHE A 126 19.52 4.55 12.20
C PHE A 126 19.15 5.00 10.79
N LEU A 127 17.90 5.39 10.55
CA LEU A 127 17.53 5.75 9.20
C LEU A 127 18.20 7.03 8.71
N ALA A 128 18.38 8.04 9.56
CA ALA A 128 19.08 9.25 9.16
C ALA A 128 20.55 8.99 8.86
N THR A 129 21.19 8.14 9.66
CA THR A 129 22.59 7.82 9.44
C THR A 129 22.78 6.94 8.23
N ALA A 130 21.93 5.92 8.06
CA ALA A 130 22.08 5.08 6.89
C ALA A 130 21.77 5.94 5.67
N GLY A 131 20.82 6.88 5.76
CA GLY A 131 20.48 7.78 4.65
C GLY A 131 21.67 8.64 4.24
N ALA A 132 22.37 9.25 5.22
CA ALA A 132 23.53 10.09 4.98
C ALA A 132 24.67 9.27 4.35
N LYS A 133 24.88 8.04 4.81
CA LYS A 133 25.95 7.19 4.33
C LYS A 133 25.78 6.71 2.89
N TYR A 134 24.57 6.26 2.50
CA TYR A 134 24.33 5.65 1.20
C TYR A 134 23.69 6.57 0.16
N GLY A 135 23.45 7.80 0.57
CA GLY A 135 23.01 8.85 -0.32
C GLY A 135 21.52 8.86 -0.52
N VAL A 136 20.72 8.71 0.54
CA VAL A 136 19.28 8.64 0.45
C VAL A 136 18.77 9.90 1.13
N GLY A 137 17.85 10.65 0.54
CA GLY A 137 17.29 11.83 1.14
C GLY A 137 16.38 11.42 2.29
N PHE A 138 16.30 12.24 3.34
CA PHE A 138 15.58 11.88 4.55
C PHE A 138 14.56 12.93 4.93
N TRP A 139 13.29 12.57 5.01
CA TRP A 139 12.27 13.49 5.42
C TRP A 139 12.01 13.15 6.88
N ARG A 140 12.23 14.11 7.76
CA ARG A 140 12.18 13.93 9.20
C ARG A 140 10.78 13.63 9.74
N PRO A 141 10.59 13.02 10.92
CA PRO A 141 9.29 12.84 11.55
C PRO A 141 8.54 14.14 11.63
N GLY A 142 7.25 14.17 11.27
CA GLY A 142 6.51 15.44 11.26
C GLY A 142 6.39 15.98 9.83
N SER A 143 7.27 15.63 8.89
CA SER A 143 7.26 16.09 7.52
C SER A 143 5.96 15.77 6.81
N GLY A 144 5.43 14.54 6.96
CA GLY A 144 4.18 14.20 6.34
C GLY A 144 4.18 12.73 5.93
N ILE A 145 3.02 12.30 5.42
CA ILE A 145 2.79 10.93 4.96
C ILE A 145 3.48 10.78 3.61
N ILE A 146 4.16 9.67 3.39
CA ILE A 146 4.97 9.42 2.24
C ILE A 146 4.32 9.84 0.93
N HIS A 147 3.06 9.49 0.69
CA HIS A 147 2.47 9.70 -0.61
C HIS A 147 2.08 11.13 -0.91
N GLN A 148 1.77 11.92 0.12
CA GLN A 148 1.44 13.32 0.00
C GLN A 148 2.74 14.06 -0.27
N ILE A 149 3.85 13.75 0.40
CA ILE A 149 5.16 14.34 0.11
C ILE A 149 5.58 14.00 -1.32
N ILE A 150 5.36 12.78 -1.81
CA ILE A 150 5.71 12.41 -3.16
C ILE A 150 4.83 13.20 -4.12
N LEU A 151 3.52 13.36 -3.93
CA LEU A 151 2.74 14.07 -4.92
C LEU A 151 3.16 15.53 -4.97
N GLU A 152 3.47 16.07 -3.79
CA GLU A 152 3.84 17.46 -3.69
C GLU A 152 5.24 17.77 -4.20
N ASN A 153 6.14 16.79 -4.24
CA ASN A 153 7.53 17.08 -4.56
C ASN A 153 8.21 16.23 -5.61
N TYR A 154 7.75 15.01 -5.81
CA TYR A 154 8.47 14.03 -6.62
C TYR A 154 7.79 13.37 -7.83
N ALA A 155 6.47 13.25 -7.79
CA ALA A 155 5.71 12.61 -8.86
C ALA A 155 5.56 13.62 -9.99
N TYR A 156 5.68 13.19 -11.22
CA TYR A 156 5.46 14.07 -12.36
C TYR A 156 4.95 13.17 -13.49
N PRO A 157 4.33 13.69 -14.58
CA PRO A 157 3.81 12.86 -15.66
C PRO A 157 4.86 11.95 -16.28
N GLY A 158 4.66 10.64 -16.47
CA GLY A 158 5.67 9.82 -17.12
C GLY A 158 6.75 9.22 -16.21
N VAL A 159 6.76 9.49 -14.90
CA VAL A 159 7.78 8.90 -14.01
C VAL A 159 7.45 7.42 -13.81
N LEU A 160 8.45 6.58 -13.60
CA LEU A 160 8.18 5.23 -13.15
C LEU A 160 8.79 5.25 -11.75
N LEU A 161 8.00 5.22 -10.69
CA LEU A 161 8.51 5.28 -9.34
C LEU A 161 8.16 3.98 -8.59
N ILE A 162 9.02 3.38 -7.77
CA ILE A 162 8.58 2.27 -6.95
C ILE A 162 8.69 2.70 -5.48
N GLY A 163 7.79 2.23 -4.65
CA GLY A 163 7.81 2.64 -3.25
C GLY A 163 7.56 1.45 -2.33
N THR A 164 8.17 1.35 -1.15
CA THR A 164 7.91 0.21 -0.29
C THR A 164 6.64 0.45 0.53
N ASP A 165 5.52 0.51 -0.15
CA ASP A 165 4.24 0.72 0.47
C ASP A 165 3.19 0.41 -0.58
N SER A 166 2.10 -0.26 -0.29
CA SER A 166 1.17 -0.65 -1.31
C SER A 166 0.33 0.54 -1.74
N HIS A 167 0.29 1.73 -1.11
CA HIS A 167 -0.47 2.86 -1.66
C HIS A 167 0.38 3.85 -2.49
N THR A 168 1.60 3.47 -2.93
CA THR A 168 2.43 4.20 -3.87
C THR A 168 1.70 4.55 -5.16
N PRO A 169 0.67 3.81 -5.68
CA PRO A 169 -0.20 4.22 -6.79
C PRO A 169 -0.86 5.59 -6.72
N ASN A 170 -0.89 6.18 -5.52
CA ASN A 170 -1.36 7.54 -5.26
C ASN A 170 -0.76 8.49 -6.30
N GLY A 171 0.52 8.31 -6.67
CA GLY A 171 1.24 9.16 -7.62
C GLY A 171 0.67 9.13 -9.05
N GLY A 172 -0.26 8.20 -9.38
CA GLY A 172 -0.95 8.09 -10.67
C GLY A 172 -1.85 9.27 -10.94
N GLY A 173 -2.18 10.00 -9.87
CA GLY A 173 -2.94 11.23 -9.95
C GLY A 173 -2.14 12.36 -10.61
N LEU A 174 -0.82 12.21 -10.79
CA LEU A 174 -0.04 13.15 -11.54
C LEU A 174 0.57 12.47 -12.77
N GLY A 175 -0.06 11.42 -13.28
CA GLY A 175 0.27 10.85 -14.58
C GLY A 175 1.47 9.96 -14.65
N GLY A 176 1.95 9.51 -13.50
CA GLY A 176 3.13 8.66 -13.47
C GLY A 176 2.73 7.24 -13.14
N ILE A 177 3.61 6.28 -13.38
CA ILE A 177 3.36 4.89 -13.00
C ILE A 177 4.15 4.64 -11.70
N CYS A 178 3.42 4.45 -10.62
CA CYS A 178 3.98 4.40 -9.27
C CYS A 178 3.52 3.09 -8.67
N ILE A 179 4.45 2.19 -8.38
CA ILE A 179 4.11 0.81 -8.04
C ILE A 179 4.68 0.44 -6.69
N GLY A 180 3.83 -0.23 -5.92
CA GLY A 180 4.13 -0.77 -4.60
C GLY A 180 5.00 -1.99 -4.72
N VAL A 181 6.09 -2.11 -3.93
CA VAL A 181 7.03 -3.24 -3.96
C VAL A 181 7.47 -3.53 -2.51
N GLY A 182 8.07 -4.71 -2.27
CA GLY A 182 8.69 -5.06 -1.00
C GLY A 182 10.10 -4.49 -0.95
N GLY A 183 10.72 -4.45 0.21
CA GLY A 183 12.05 -3.91 0.40
C GLY A 183 13.10 -4.56 -0.48
N ALA A 184 13.13 -5.88 -0.74
CA ALA A 184 14.13 -6.45 -1.61
C ALA A 184 14.05 -6.02 -3.08
N ASP A 185 12.87 -5.64 -3.58
CA ASP A 185 12.72 -5.12 -4.94
C ASP A 185 13.33 -3.74 -5.01
N ALA A 186 13.11 -2.95 -3.97
CA ALA A 186 13.71 -1.63 -3.84
C ALA A 186 15.23 -1.72 -3.77
N VAL A 187 15.81 -2.73 -3.10
CA VAL A 187 17.25 -2.97 -3.07
C VAL A 187 17.80 -3.27 -4.46
N ASP A 188 17.10 -4.00 -5.33
CA ASP A 188 17.54 -4.20 -6.71
C ASP A 188 17.79 -2.90 -7.45
N VAL A 189 16.81 -2.01 -7.35
CA VAL A 189 16.89 -0.76 -8.06
C VAL A 189 17.92 0.16 -7.42
N MET A 190 18.00 0.20 -6.08
CA MET A 190 19.04 0.97 -5.44
C MET A 190 20.38 0.40 -5.77
N ALA A 191 20.52 -0.89 -6.05
CA ALA A 191 21.79 -1.49 -6.40
C ALA A 191 22.06 -1.36 -7.90
N GLY A 192 21.15 -0.87 -8.74
CA GLY A 192 21.44 -0.71 -10.17
C GLY A 192 21.12 -1.93 -11.04
N ILE A 193 20.39 -2.92 -10.55
CA ILE A 193 20.13 -4.03 -11.41
C ILE A 193 18.69 -3.89 -11.94
N PRO A 194 18.31 -4.38 -13.15
CA PRO A 194 16.95 -4.21 -13.70
C PRO A 194 15.84 -4.71 -12.77
N TRP A 195 14.70 -4.06 -12.63
CA TRP A 195 13.61 -4.52 -11.78
C TRP A 195 12.67 -5.36 -12.66
N GLU A 196 12.11 -6.48 -12.23
CA GLU A 196 11.25 -7.26 -13.10
C GLU A 196 9.80 -7.12 -12.68
N LEU A 197 8.90 -6.96 -13.65
CA LEU A 197 7.49 -6.88 -13.36
C LEU A 197 6.74 -7.66 -14.42
N LYS A 198 5.78 -8.47 -14.02
CA LYS A 198 4.94 -9.19 -14.95
C LYS A 198 4.16 -8.13 -15.72
N CYS A 199 4.26 -8.26 -17.04
CA CYS A 199 3.55 -7.37 -17.95
C CYS A 199 2.07 -7.28 -17.59
N PRO A 200 1.55 -6.10 -17.21
CA PRO A 200 0.17 -5.98 -16.83
C PRO A 200 -0.90 -6.04 -17.92
N LYS A 201 -2.07 -6.49 -17.51
CA LYS A 201 -3.28 -6.34 -18.31
C LYS A 201 -3.72 -4.92 -18.08
N VAL A 202 -4.64 -4.32 -18.83
CA VAL A 202 -5.02 -2.95 -18.61
C VAL A 202 -6.54 -2.88 -18.55
N ILE A 203 -7.12 -2.43 -17.44
CA ILE A 203 -8.55 -2.26 -17.29
C ILE A 203 -8.79 -0.79 -17.56
N GLY A 204 -9.69 -0.40 -18.45
CA GLY A 204 -9.94 1.01 -18.71
C GLY A 204 -11.21 1.39 -17.98
N VAL A 205 -11.26 2.55 -17.35
CA VAL A 205 -12.46 2.99 -16.69
C VAL A 205 -12.74 4.34 -17.34
N LYS A 206 -13.83 4.41 -18.10
CA LYS A 206 -14.21 5.61 -18.81
C LYS A 206 -15.17 6.41 -17.96
N LEU A 207 -14.78 7.66 -17.68
CA LEU A 207 -15.53 8.51 -16.81
C LEU A 207 -16.22 9.47 -17.73
N THR A 208 -17.48 9.64 -17.41
CA THR A 208 -18.39 10.45 -18.19
C THR A 208 -19.02 11.48 -17.25
N GLY A 209 -19.54 12.61 -17.73
CA GLY A 209 -20.27 13.54 -16.88
C GLY A 209 -19.36 14.34 -15.97
N SER A 210 -19.88 14.82 -14.87
CA SER A 210 -19.05 15.54 -13.95
C SER A 210 -19.64 15.38 -12.57
N LEU A 211 -18.77 15.46 -11.58
CA LEU A 211 -19.18 15.30 -10.20
C LEU A 211 -19.99 16.51 -9.77
N SER A 212 -20.97 16.29 -8.91
CA SER A 212 -21.79 17.36 -8.38
C SER A 212 -22.17 17.12 -6.92
N GLY A 213 -22.37 18.24 -6.23
CA GLY A 213 -22.91 18.26 -4.89
C GLY A 213 -21.99 17.57 -3.91
N TRP A 214 -22.59 16.58 -3.27
CA TRP A 214 -21.87 15.85 -2.26
C TRP A 214 -20.95 14.80 -2.83
N THR A 215 -21.05 14.46 -4.13
CA THR A 215 -20.23 13.36 -4.63
C THR A 215 -18.79 13.84 -4.81
N SER A 216 -17.83 13.04 -4.40
CA SER A 216 -16.47 13.49 -4.49
C SER A 216 -15.61 12.45 -5.19
N PRO A 217 -14.34 12.71 -5.48
CA PRO A 217 -13.47 11.73 -6.11
C PRO A 217 -13.43 10.39 -5.42
N LYS A 218 -13.40 10.33 -4.07
CA LYS A 218 -13.43 9.09 -3.32
C LYS A 218 -14.59 8.16 -3.72
N ASP A 219 -15.80 8.67 -4.04
CA ASP A 219 -16.95 7.85 -4.45
C ASP A 219 -16.72 7.08 -5.70
N VAL A 220 -15.87 7.59 -6.60
CA VAL A 220 -15.53 6.92 -7.86
C VAL A 220 -14.80 5.64 -7.50
N ILE A 221 -13.79 5.68 -6.64
CA ILE A 221 -13.07 4.44 -6.36
C ILE A 221 -13.90 3.61 -5.36
N LEU A 222 -14.79 4.13 -4.51
CA LEU A 222 -15.60 3.26 -3.68
C LEU A 222 -16.57 2.46 -4.57
N LYS A 223 -17.09 3.06 -5.64
CA LYS A 223 -17.95 2.39 -6.61
C LYS A 223 -17.19 1.36 -7.41
N VAL A 224 -16.03 1.71 -7.97
CA VAL A 224 -15.16 0.78 -8.71
C VAL A 224 -14.78 -0.40 -7.82
N ALA A 225 -14.39 -0.25 -6.54
CA ALA A 225 -14.07 -1.37 -5.66
C ALA A 225 -15.27 -2.30 -5.49
N GLY A 226 -16.48 -1.78 -5.31
CA GLY A 226 -17.67 -2.60 -5.18
C GLY A 226 -17.88 -3.36 -6.47
N ILE A 227 -17.66 -2.77 -7.65
CA ILE A 227 -17.82 -3.44 -8.92
C ILE A 227 -16.75 -4.51 -9.16
N LEU A 228 -15.48 -4.18 -9.03
CA LEU A 228 -14.42 -5.11 -9.36
C LEU A 228 -14.11 -6.12 -8.28
N THR A 229 -14.41 -5.77 -7.04
CA THR A 229 -14.17 -6.46 -5.78
C THR A 229 -12.69 -6.44 -5.41
N VAL A 230 -12.23 -6.85 -4.22
CA VAL A 230 -10.83 -6.84 -3.85
C VAL A 230 -9.94 -7.72 -4.70
N LYS A 231 -10.45 -8.66 -5.46
CA LYS A 231 -9.51 -9.39 -6.29
C LYS A 231 -9.65 -9.10 -7.77
N GLY A 232 -10.48 -8.13 -8.17
CA GLY A 232 -10.76 -7.90 -9.57
C GLY A 232 -9.64 -7.19 -10.32
N GLY A 233 -8.75 -6.47 -9.65
CA GLY A 233 -7.71 -5.74 -10.33
C GLY A 233 -6.41 -6.48 -10.37
N THR A 234 -6.29 -7.70 -9.84
CA THR A 234 -5.03 -8.41 -9.81
C THR A 234 -4.37 -8.54 -11.19
N GLY A 235 -3.09 -8.15 -11.34
CA GLY A 235 -2.32 -8.36 -12.57
C GLY A 235 -2.60 -7.28 -13.60
N ALA A 236 -3.41 -6.29 -13.26
CA ALA A 236 -3.74 -5.21 -14.17
C ALA A 236 -3.44 -3.79 -13.67
N ILE A 237 -3.20 -2.86 -14.61
CA ILE A 237 -3.17 -1.44 -14.27
C ILE A 237 -4.53 -0.85 -14.62
N VAL A 238 -5.11 0.00 -13.78
CA VAL A 238 -6.39 0.66 -14.05
C VAL A 238 -6.05 2.01 -14.65
N GLU A 239 -6.57 2.28 -15.86
CA GLU A 239 -6.30 3.49 -16.60
C GLU A 239 -7.62 4.25 -16.83
N TYR A 240 -7.72 5.35 -16.11
CA TYR A 240 -8.89 6.19 -16.18
C TYR A 240 -8.77 7.08 -17.39
N HIS A 241 -9.89 7.31 -18.10
CA HIS A 241 -9.88 8.10 -19.33
C HIS A 241 -11.30 8.61 -19.53
N GLY A 242 -11.59 9.42 -20.56
CA GLY A 242 -12.95 9.87 -20.84
C GLY A 242 -13.11 11.35 -20.52
N PRO A 243 -14.18 12.01 -21.00
CA PRO A 243 -14.41 13.43 -20.73
C PRO A 243 -14.65 13.76 -19.26
N GLY A 244 -15.05 12.82 -18.41
CA GLY A 244 -15.30 13.12 -17.02
C GLY A 244 -14.01 13.42 -16.28
N VAL A 245 -12.84 13.03 -16.80
CA VAL A 245 -11.56 13.27 -16.13
C VAL A 245 -11.24 14.74 -15.78
N ASP A 246 -11.55 15.70 -16.66
CA ASP A 246 -11.28 17.10 -16.39
C ASP A 246 -12.15 17.70 -15.34
N SER A 247 -13.17 16.97 -14.94
CA SER A 247 -14.01 17.34 -13.82
C SER A 247 -13.30 17.03 -12.50
N ILE A 248 -12.18 16.31 -12.41
CA ILE A 248 -11.63 15.89 -11.12
C ILE A 248 -10.35 16.66 -10.85
N SER A 249 -10.10 17.16 -9.63
CA SER A 249 -8.86 17.89 -9.27
C SER A 249 -7.69 16.92 -9.29
N CYS A 250 -6.44 17.38 -9.38
CA CYS A 250 -5.28 16.53 -9.34
C CYS A 250 -5.23 15.74 -8.04
N THR A 251 -5.56 16.29 -6.87
CA THR A 251 -5.52 15.50 -5.68
C THR A 251 -6.68 14.51 -5.65
N GLY A 252 -7.80 14.86 -6.28
CA GLY A 252 -8.92 13.95 -6.45
C GLY A 252 -8.49 12.75 -7.27
N MET A 253 -7.73 12.93 -8.33
CA MET A 253 -7.24 11.84 -9.14
C MET A 253 -6.29 10.96 -8.35
N ALA A 254 -5.46 11.56 -7.49
CA ALA A 254 -4.56 10.79 -6.63
C ALA A 254 -5.36 9.94 -5.64
N THR A 255 -6.45 10.45 -5.04
CA THR A 255 -7.35 9.67 -4.19
C THR A 255 -7.85 8.41 -4.88
N ILE A 256 -8.33 8.55 -6.12
CA ILE A 256 -8.86 7.42 -6.90
C ILE A 256 -7.75 6.43 -7.23
N CYS A 257 -6.56 6.85 -7.66
CA CYS A 257 -5.47 5.93 -7.94
C CYS A 257 -4.98 5.23 -6.68
N ASN A 258 -4.99 5.96 -5.55
CA ASN A 258 -4.53 5.44 -4.26
C ASN A 258 -5.30 4.17 -3.88
N MET A 259 -6.63 4.29 -3.81
CA MET A 259 -7.41 3.17 -3.33
C MET A 259 -7.61 2.05 -4.34
N GLY A 260 -7.06 2.17 -5.55
CA GLY A 260 -7.00 1.06 -6.50
C GLY A 260 -6.16 -0.05 -5.92
N ALA A 261 -5.36 0.25 -4.89
CA ALA A 261 -4.65 -0.81 -4.16
C ALA A 261 -5.59 -1.80 -3.49
N GLU A 262 -6.78 -1.39 -3.09
CA GLU A 262 -7.74 -2.31 -2.49
C GLU A 262 -8.44 -3.30 -3.44
N ILE A 263 -8.23 -3.19 -4.76
CA ILE A 263 -8.75 -4.22 -5.66
C ILE A 263 -7.58 -5.03 -6.20
N GLY A 264 -6.34 -4.81 -5.72
CA GLY A 264 -5.21 -5.65 -6.07
C GLY A 264 -4.51 -5.27 -7.36
N ALA A 265 -4.87 -4.10 -7.90
CA ALA A 265 -4.33 -3.58 -9.17
C ALA A 265 -2.84 -3.41 -9.12
N THR A 266 -2.03 -3.58 -10.17
CA THR A 266 -0.62 -3.26 -10.06
C THR A 266 -0.38 -1.77 -9.76
N THR A 267 -1.19 -0.87 -10.32
CA THR A 267 -1.21 0.56 -10.07
C THR A 267 -2.39 1.14 -10.86
N SER A 268 -2.63 2.43 -10.78
CA SER A 268 -3.67 3.11 -11.53
C SER A 268 -3.07 4.39 -12.12
N VAL A 269 -3.58 4.97 -13.23
CA VAL A 269 -3.00 6.17 -13.79
C VAL A 269 -4.07 7.00 -14.48
N PHE A 270 -3.88 8.33 -14.50
CA PHE A 270 -4.76 9.26 -15.21
C PHE A 270 -3.91 9.91 -16.29
N PRO A 271 -4.40 10.32 -17.48
CA PRO A 271 -3.61 11.03 -18.50
C PRO A 271 -3.32 12.48 -18.11
N TYR A 272 -2.21 12.98 -18.63
CA TYR A 272 -1.78 14.33 -18.32
C TYR A 272 -2.84 15.27 -18.88
N ASN A 273 -3.29 16.23 -18.09
CA ASN A 273 -4.28 17.17 -18.51
C ASN A 273 -4.01 18.43 -17.75
N HIS A 274 -4.86 19.43 -18.02
CA HIS A 274 -4.71 20.75 -17.46
C HIS A 274 -4.89 20.81 -15.94
N ARG A 275 -5.58 19.89 -15.25
CA ARG A 275 -5.66 19.92 -13.79
C ARG A 275 -4.33 19.54 -13.16
N MET A 276 -3.55 18.65 -13.77
CA MET A 276 -2.24 18.26 -13.30
C MET A 276 -1.29 19.38 -13.55
N LYS A 277 -1.42 20.07 -14.69
CA LYS A 277 -0.55 21.18 -15.01
C LYS A 277 -0.60 22.29 -13.96
N LYS A 278 -1.86 22.57 -13.60
CA LYS A 278 -2.19 23.56 -12.59
C LYS A 278 -1.60 23.20 -11.23
N TYR A 279 -1.72 21.92 -10.86
CA TYR A 279 -1.13 21.45 -9.61
C TYR A 279 0.38 21.57 -9.66
N LEU A 280 1.10 21.20 -10.73
CA LEU A 280 2.54 21.29 -10.85
C LEU A 280 2.98 22.71 -10.70
N SER A 281 2.31 23.66 -11.35
CA SER A 281 2.63 25.06 -11.22
C SER A 281 2.41 25.57 -9.80
N LYS A 282 1.36 25.19 -9.10
CA LYS A 282 1.15 25.69 -7.75
C LYS A 282 2.10 25.01 -6.77
N THR A 283 2.75 23.90 -7.14
CA THR A 283 3.74 23.30 -6.25
C THR A 283 5.17 23.60 -6.70
N GLY A 284 5.41 24.75 -7.35
CA GLY A 284 6.74 25.18 -7.77
C GLY A 284 7.33 24.41 -8.93
N ARG A 285 6.55 23.73 -9.76
CA ARG A 285 7.09 22.88 -10.81
C ARG A 285 6.50 23.22 -12.19
N ALA A 286 6.38 24.53 -12.47
CA ALA A 286 5.89 25.02 -13.75
C ALA A 286 6.78 24.60 -14.90
N ASP A 287 8.09 24.49 -14.72
CA ASP A 287 9.00 24.04 -15.75
C ASP A 287 8.77 22.61 -16.15
N ILE A 288 8.42 21.74 -15.19
CA ILE A 288 8.07 20.35 -15.47
C ILE A 288 6.72 20.34 -16.20
N ALA A 289 5.70 21.15 -15.85
CA ALA A 289 4.46 21.19 -16.61
C ALA A 289 4.72 21.67 -18.03
N ASN A 290 5.67 22.58 -18.23
CA ASN A 290 5.99 23.11 -19.55
C ASN A 290 6.67 22.05 -20.37
N LEU A 291 7.62 21.29 -19.80
CA LEU A 291 8.24 20.21 -20.54
C LEU A 291 7.24 19.09 -20.87
N ALA A 292 6.33 18.70 -19.97
CA ALA A 292 5.30 17.71 -20.22
C ALA A 292 4.37 18.24 -21.30
N ASP A 293 4.05 19.53 -21.41
CA ASP A 293 3.31 20.04 -22.58
C ASP A 293 4.05 19.77 -23.88
N GLU A 294 5.38 19.87 -23.97
CA GLU A 294 6.09 19.53 -25.18
C GLU A 294 6.11 18.04 -25.42
N PHE A 295 5.98 17.15 -24.43
CA PHE A 295 5.93 15.72 -24.72
C PHE A 295 4.57 15.07 -24.51
N LYS A 296 3.54 15.88 -24.48
CA LYS A 296 2.16 15.50 -24.25
C LYS A 296 1.65 14.30 -25.00
N ASP A 297 2.08 14.06 -26.23
CA ASP A 297 1.58 12.92 -26.97
C ASP A 297 1.93 11.62 -26.32
N HIS A 298 3.07 11.58 -25.63
CA HIS A 298 3.54 10.36 -24.95
C HIS A 298 2.95 10.18 -23.54
N LEU A 299 2.12 11.15 -23.11
CA LEU A 299 1.57 11.21 -21.75
C LEU A 299 0.06 11.09 -21.73
N VAL A 300 -0.53 10.69 -22.86
CA VAL A 300 -1.95 10.41 -22.97
C VAL A 300 -2.03 9.09 -23.73
N PRO A 301 -3.11 8.32 -23.67
CA PRO A 301 -3.22 7.10 -24.46
C PRO A 301 -3.32 7.32 -25.97
N ASP A 302 -2.89 6.34 -26.76
CA ASP A 302 -3.05 6.39 -28.19
C ASP A 302 -4.50 6.22 -28.52
N SER A 303 -4.87 6.79 -29.64
CA SER A 303 -6.23 6.74 -30.10
C SER A 303 -6.51 5.32 -30.47
N GLY A 304 -7.67 4.81 -30.03
CA GLY A 304 -8.03 3.44 -30.32
C GLY A 304 -7.23 2.39 -29.56
N CYS A 305 -6.61 2.64 -28.39
CA CYS A 305 -5.90 1.59 -27.70
C CYS A 305 -6.89 0.58 -27.09
N HIS A 306 -6.47 -0.68 -26.93
CA HIS A 306 -7.33 -1.75 -26.42
C HIS A 306 -7.14 -1.99 -24.92
N TYR A 307 -8.25 -1.92 -24.21
CA TYR A 307 -8.29 -2.28 -22.80
C TYR A 307 -8.76 -3.73 -22.65
N ASP A 308 -8.24 -4.53 -21.74
CA ASP A 308 -8.68 -5.90 -21.58
C ASP A 308 -10.04 -5.93 -20.93
N GLN A 309 -10.46 -4.85 -20.30
CA GLN A 309 -11.75 -4.80 -19.68
C GLN A 309 -12.13 -3.35 -19.68
N LEU A 310 -13.38 -2.98 -19.88
CA LEU A 310 -13.74 -1.60 -19.86
C LEU A 310 -14.89 -1.44 -18.91
N ILE A 311 -14.88 -0.42 -18.08
CA ILE A 311 -15.96 -0.13 -17.15
C ILE A 311 -16.29 1.32 -17.43
N GLU A 312 -17.56 1.75 -17.40
CA GLU A 312 -17.89 3.14 -17.60
C GLU A 312 -18.63 3.63 -16.40
N ILE A 313 -18.25 4.83 -15.94
CA ILE A 313 -18.93 5.42 -14.82
C ILE A 313 -19.32 6.83 -15.18
N ASN A 314 -20.62 7.07 -15.01
CA ASN A 314 -21.16 8.40 -15.26
C ASN A 314 -21.17 9.12 -13.93
N LEU A 315 -20.23 10.06 -13.83
CA LEU A 315 -20.01 10.89 -12.66
C LEU A 315 -21.24 11.71 -12.30
N SER A 316 -22.12 12.06 -13.25
CA SER A 316 -23.29 12.84 -12.94
C SER A 316 -24.36 12.07 -12.18
N GLU A 317 -24.38 10.74 -12.33
CA GLU A 317 -25.30 9.90 -11.60
C GLU A 317 -24.71 9.29 -10.33
N LEU A 318 -23.41 9.43 -10.08
CA LEU A 318 -22.77 8.85 -8.91
C LEU A 318 -23.20 9.62 -7.68
N LYS A 319 -23.54 8.89 -6.65
CA LYS A 319 -23.99 9.49 -5.40
C LYS A 319 -23.05 9.09 -4.27
N PRO A 320 -22.96 9.73 -3.10
CA PRO A 320 -22.06 9.38 -2.01
C PRO A 320 -22.07 7.91 -1.57
N HIS A 321 -20.93 7.29 -1.32
CA HIS A 321 -20.85 5.91 -0.89
C HIS A 321 -20.14 5.83 0.44
N ILE A 322 -20.28 4.70 1.11
CA ILE A 322 -19.61 4.37 2.34
C ILE A 322 -19.38 2.87 2.25
N ASN A 323 -18.14 2.42 2.42
CA ASN A 323 -17.87 1.02 2.25
C ASN A 323 -17.44 0.34 3.53
N GLY A 324 -17.78 -0.95 3.67
CA GLY A 324 -17.39 -1.74 4.83
C GLY A 324 -18.59 -2.38 5.50
N PRO A 325 -18.47 -3.12 6.61
CA PRO A 325 -17.40 -2.98 7.53
C PRO A 325 -16.42 -4.09 7.27
N PHE A 326 -15.32 -4.42 7.65
CA PHE A 326 -14.49 -5.47 7.18
C PHE A 326 -13.63 -5.71 5.95
N THR A 327 -14.21 -5.23 4.84
CA THR A 327 -13.63 -5.28 3.50
C THR A 327 -13.95 -3.92 2.92
N PRO A 328 -13.03 -3.37 2.10
CA PRO A 328 -13.28 -2.17 1.37
C PRO A 328 -14.18 -2.32 0.12
N ASP A 329 -14.56 -3.49 -0.41
CA ASP A 329 -15.42 -3.60 -1.60
C ASP A 329 -16.89 -3.83 -1.26
N LEU A 330 -17.28 -3.88 0.02
CA LEU A 330 -18.67 -3.97 0.39
C LEU A 330 -19.19 -2.54 0.28
N ALA A 331 -19.70 -2.14 -0.87
CA ALA A 331 -20.08 -0.74 -1.07
C ALA A 331 -21.50 -0.40 -0.76
N HIS A 332 -21.90 0.70 -0.11
CA HIS A 332 -23.33 1.03 0.10
C HIS A 332 -23.46 2.50 -0.23
N PRO A 333 -24.55 3.02 -0.80
CA PRO A 333 -24.83 4.43 -0.83
C PRO A 333 -25.05 4.88 0.60
N VAL A 334 -24.71 6.14 0.86
CA VAL A 334 -24.79 6.68 2.20
C VAL A 334 -26.26 6.65 2.60
N ALA A 335 -27.12 6.96 1.64
CA ALA A 335 -28.57 6.88 1.79
C ALA A 335 -29.07 5.52 2.28
N GLU A 336 -28.39 4.41 2.05
CA GLU A 336 -28.93 3.14 2.50
C GLU A 336 -28.11 2.48 3.59
N VAL A 337 -26.93 3.02 3.95
CA VAL A 337 -26.14 2.32 4.95
C VAL A 337 -26.89 2.28 6.31
N GLY A 338 -27.68 3.31 6.65
CA GLY A 338 -28.44 3.38 7.89
C GLY A 338 -29.40 2.20 8.06
N SER A 339 -30.03 1.78 6.98
CA SER A 339 -30.97 0.67 7.00
C SER A 339 -30.28 -0.68 6.90
N VAL A 340 -29.15 -0.79 6.20
CA VAL A 340 -28.42 -2.05 6.13
C VAL A 340 -27.75 -2.35 7.45
N ALA A 341 -27.27 -1.32 8.14
CA ALA A 341 -26.61 -1.47 9.43
C ALA A 341 -27.56 -2.11 10.43
N GLU A 342 -28.74 -1.49 10.47
CA GLU A 342 -29.87 -1.88 11.29
C GLU A 342 -30.17 -3.35 11.03
N LYS A 343 -30.36 -3.71 9.77
CA LYS A 343 -30.55 -5.09 9.42
C LYS A 343 -29.38 -6.01 9.80
N GLU A 344 -28.11 -5.66 9.58
CA GLU A 344 -27.01 -6.55 9.82
C GLU A 344 -26.47 -6.58 11.25
N GLY A 345 -26.98 -5.68 12.08
CA GLY A 345 -26.53 -5.60 13.46
C GLY A 345 -25.20 -4.89 13.63
N TRP A 346 -24.93 -3.95 12.72
CA TRP A 346 -23.74 -3.12 12.80
C TRP A 346 -24.10 -1.94 13.69
N PRO A 347 -23.28 -1.55 14.67
CA PRO A 347 -23.58 -0.44 15.58
C PRO A 347 -23.90 0.82 14.80
N LEU A 348 -25.04 1.43 15.09
CA LEU A 348 -25.46 2.62 14.39
C LEU A 348 -24.80 3.90 14.85
N ASP A 349 -24.37 3.91 16.10
CA ASP A 349 -23.79 5.09 16.68
C ASP A 349 -22.30 5.06 16.40
N ILE A 350 -21.86 6.22 15.93
CA ILE A 350 -20.48 6.43 15.52
C ILE A 350 -19.72 6.97 16.72
N ARG A 351 -18.73 6.22 17.15
CA ARG A 351 -17.92 6.64 18.29
C ARG A 351 -16.87 7.68 17.86
N VAL A 352 -16.15 7.41 16.75
CA VAL A 352 -15.10 8.31 16.28
C VAL A 352 -15.26 8.50 14.76
N GLY A 353 -15.06 9.73 14.27
CA GLY A 353 -14.97 10.09 12.87
C GLY A 353 -13.53 10.54 12.59
N LEU A 354 -12.82 9.93 11.63
CA LEU A 354 -11.42 10.24 11.40
C LEU A 354 -11.16 10.69 9.98
N ILE A 355 -10.68 11.91 9.70
CA ILE A 355 -10.36 12.30 8.34
C ILE A 355 -8.85 12.40 8.16
N GLY A 356 -8.40 12.23 6.92
CA GLY A 356 -6.99 12.24 6.58
C GLY A 356 -6.56 10.91 5.93
N SER A 357 -5.36 10.46 6.31
CA SER A 357 -4.60 9.39 5.68
C SER A 357 -4.16 9.88 4.27
N CYS A 358 -3.25 9.18 3.58
CA CYS A 358 -2.77 9.61 2.28
C CYS A 358 -3.88 9.73 1.21
N THR A 359 -4.92 8.91 1.41
CA THR A 359 -6.06 8.91 0.54
C THR A 359 -6.81 10.21 0.57
N ASN A 360 -6.96 10.88 1.69
CA ASN A 360 -7.85 12.00 1.72
C ASN A 360 -7.40 13.05 2.68
N SER A 361 -6.20 13.56 2.44
CA SER A 361 -5.71 14.58 3.35
C SER A 361 -5.21 15.83 2.69
N SER A 362 -5.78 16.10 1.50
CA SER A 362 -5.37 17.19 0.65
C SER A 362 -5.94 18.51 1.10
N TYR A 363 -5.52 19.61 0.49
CA TYR A 363 -6.06 20.92 0.77
C TYR A 363 -7.55 20.99 0.44
N GLU A 364 -7.96 20.41 -0.70
CA GLU A 364 -9.37 20.39 -1.11
C GLU A 364 -10.22 19.55 -0.15
N ASP A 365 -9.67 18.45 0.34
CA ASP A 365 -10.37 17.59 1.26
C ASP A 365 -10.60 18.31 2.59
N MET A 366 -9.57 19.01 3.06
CA MET A 366 -9.67 19.78 4.31
C MET A 366 -10.62 20.96 4.12
N GLY A 367 -10.68 21.61 2.96
CA GLY A 367 -11.62 22.71 2.75
C GLY A 367 -13.05 22.22 2.63
N ARG A 368 -13.29 21.06 2.00
CA ARG A 368 -14.64 20.55 1.90
C ARG A 368 -15.16 20.14 3.27
N SER A 369 -14.35 19.48 4.11
CA SER A 369 -14.73 19.15 5.48
C SER A 369 -14.96 20.44 6.29
N ALA A 370 -14.11 21.48 6.21
CA ALA A 370 -14.34 22.74 6.92
C ALA A 370 -15.65 23.39 6.47
N ALA A 371 -16.04 23.21 5.20
CA ALA A 371 -17.26 23.75 4.66
C ALA A 371 -18.51 23.15 5.27
N VAL A 372 -18.49 21.88 5.65
CA VAL A 372 -19.59 21.19 6.32
C VAL A 372 -19.63 21.64 7.79
N ALA A 373 -18.45 21.58 8.42
CA ALA A 373 -18.29 21.99 9.79
C ALA A 373 -18.70 23.43 9.98
N LYS A 374 -18.43 24.43 9.12
CA LYS A 374 -18.83 25.79 9.42
C LYS A 374 -20.33 25.93 9.49
N GLN A 375 -21.08 25.08 8.77
CA GLN A 375 -22.52 25.15 8.78
C GLN A 375 -23.10 24.74 10.12
N ALA A 376 -22.50 23.69 10.70
CA ALA A 376 -22.90 23.16 11.99
C ALA A 376 -22.65 24.17 13.08
N LEU A 377 -21.47 24.77 13.02
CA LEU A 377 -21.08 25.83 13.91
C LEU A 377 -22.03 27.01 13.83
N ALA A 378 -22.46 27.39 12.64
CA ALA A 378 -23.42 28.48 12.45
C ALA A 378 -24.75 28.15 13.12
N HIS A 379 -25.03 26.90 13.48
CA HIS A 379 -26.24 26.55 14.21
C HIS A 379 -25.98 26.13 15.66
N GLY A 380 -24.80 26.45 16.18
CA GLY A 380 -24.42 26.14 17.54
C GLY A 380 -24.24 24.67 17.78
N LEU A 381 -23.78 23.92 16.78
CA LEU A 381 -23.51 22.52 17.02
C LEU A 381 -22.02 22.22 16.96
N LYS A 382 -21.66 21.06 17.49
CA LYS A 382 -20.31 20.51 17.47
C LYS A 382 -20.56 19.03 17.24
N CYS A 383 -19.51 18.29 16.95
CA CYS A 383 -19.61 16.86 16.72
C CYS A 383 -20.12 16.12 17.92
N LYS A 384 -20.97 15.14 17.63
CA LYS A 384 -21.48 14.26 18.65
C LYS A 384 -20.43 13.18 18.76
N SER A 385 -19.85 12.68 17.66
CA SER A 385 -18.80 11.69 17.73
C SER A 385 -17.49 12.39 18.08
N GLN A 386 -16.51 11.63 18.51
CA GLN A 386 -15.17 12.15 18.64
C GLN A 386 -14.68 12.42 17.21
N PHE A 387 -13.83 13.40 16.95
CA PHE A 387 -13.44 13.75 15.59
C PHE A 387 -11.95 14.02 15.44
N THR A 388 -11.17 13.28 14.63
CA THR A 388 -9.74 13.54 14.48
C THR A 388 -9.40 13.97 13.05
N ILE A 389 -8.36 14.80 12.86
CA ILE A 389 -7.98 15.32 11.56
C ILE A 389 -6.51 15.06 11.38
N THR A 390 -6.12 14.29 10.36
CA THR A 390 -4.70 14.08 10.05
C THR A 390 -4.33 14.85 8.76
N PRO A 391 -3.61 16.00 8.80
CA PRO A 391 -3.06 16.67 7.63
C PRO A 391 -2.04 15.76 6.95
N GLY A 392 -2.04 15.69 5.62
CA GLY A 392 -1.12 14.81 4.92
C GLY A 392 0.34 15.24 4.92
N SER A 393 0.68 16.52 5.11
CA SER A 393 2.06 16.96 5.03
C SER A 393 2.13 18.22 5.84
N GLU A 394 3.33 18.68 6.17
CA GLU A 394 3.55 19.94 6.85
C GLU A 394 3.11 21.14 6.03
N GLN A 395 3.34 21.12 4.71
CA GLN A 395 2.81 22.15 3.84
C GLN A 395 1.31 22.25 3.94
N ILE A 396 0.54 21.15 3.83
CA ILE A 396 -0.91 21.21 4.03
C ILE A 396 -1.25 21.67 5.44
N ARG A 397 -0.61 21.18 6.53
CA ARG A 397 -0.91 21.65 7.87
C ARG A 397 -0.67 23.15 7.96
N ALA A 398 0.45 23.69 7.47
CA ALA A 398 0.71 25.13 7.55
C ALA A 398 -0.27 25.93 6.71
N THR A 399 -0.67 25.46 5.53
CA THR A 399 -1.63 26.16 4.70
C THR A 399 -3.06 26.08 5.25
N ILE A 400 -3.56 25.00 5.81
CA ILE A 400 -4.94 25.02 6.27
C ILE A 400 -5.03 25.78 7.58
N GLU A 401 -3.91 25.89 8.26
CA GLU A 401 -3.83 26.65 9.49
C GLU A 401 -3.96 28.12 9.10
N ARG A 402 -3.15 28.51 8.12
CA ARG A 402 -3.18 29.85 7.55
C ARG A 402 -4.50 30.21 6.93
N ASP A 403 -5.13 29.34 6.15
CA ASP A 403 -6.33 29.75 5.48
C ASP A 403 -7.54 29.55 6.31
N GLY A 404 -7.38 29.17 7.57
CA GLY A 404 -8.51 29.15 8.48
C GLY A 404 -9.26 27.86 8.60
N TYR A 405 -8.92 26.77 7.90
CA TYR A 405 -9.73 25.58 7.99
C TYR A 405 -9.43 24.81 9.25
N ALA A 406 -8.21 24.82 9.79
CA ALA A 406 -7.89 24.03 10.98
C ALA A 406 -8.66 24.55 12.19
N GLN A 407 -8.76 25.89 12.35
CA GLN A 407 -9.57 26.44 13.42
C GLN A 407 -11.07 26.09 13.32
N VAL A 408 -11.72 26.04 12.14
CA VAL A 408 -13.12 25.62 12.01
C VAL A 408 -13.26 24.20 12.52
N LEU A 409 -12.30 23.36 12.12
CA LEU A 409 -12.31 21.97 12.50
C LEU A 409 -12.05 21.79 13.98
N ARG A 410 -11.20 22.61 14.60
CA ARG A 410 -11.07 22.60 16.05
C ARG A 410 -12.34 23.13 16.68
N ASP A 411 -12.97 24.18 16.19
CA ASP A 411 -14.17 24.69 16.83
C ASP A 411 -15.33 23.71 16.80
N VAL A 412 -15.55 22.83 15.78
CA VAL A 412 -16.62 21.83 15.85
C VAL A 412 -16.25 20.71 16.77
N GLY A 413 -15.07 20.64 17.36
CA GLY A 413 -14.73 19.60 18.31
C GLY A 413 -13.64 18.64 17.84
N GLY A 414 -12.89 18.93 16.78
CA GLY A 414 -11.90 18.00 16.29
C GLY A 414 -10.52 18.17 16.90
N ILE A 415 -9.72 17.13 16.86
CA ILE A 415 -8.36 17.21 17.39
C ILE A 415 -7.44 16.99 16.17
N VAL A 416 -6.47 17.87 15.96
CA VAL A 416 -5.54 17.75 14.85
C VAL A 416 -4.35 16.92 15.33
N LEU A 417 -4.10 15.84 14.61
CA LEU A 417 -3.06 14.88 14.95
C LEU A 417 -1.81 15.21 14.18
N ALA A 418 -0.66 14.61 14.48
CA ALA A 418 0.55 14.86 13.74
C ALA A 418 0.39 14.44 12.25
N ASN A 419 1.27 14.93 11.35
CA ASN A 419 1.19 14.63 9.92
C ASN A 419 1.80 13.25 9.78
N ALA A 420 1.04 12.19 10.08
CA ALA A 420 1.55 10.83 10.12
C ALA A 420 0.39 9.86 9.93
N CYS A 421 0.67 8.60 9.64
CA CYS A 421 -0.36 7.59 9.41
C CYS A 421 -1.27 7.47 10.61
N GLY A 422 -0.65 7.33 11.79
CA GLY A 422 -1.42 7.35 13.04
C GLY A 422 -2.52 6.30 13.06
N PRO A 423 -3.80 6.65 13.31
CA PRO A 423 -4.89 5.72 13.42
C PRO A 423 -5.04 4.84 12.19
N CYS A 424 -4.57 5.26 10.99
CA CYS A 424 -4.66 4.39 9.84
C CYS A 424 -3.93 3.04 9.95
N ILE A 425 -2.82 2.87 10.67
CA ILE A 425 -2.22 1.55 10.86
C ILE A 425 -2.24 1.19 12.34
N GLY A 426 -3.21 1.67 13.12
CA GLY A 426 -3.32 1.25 14.51
C GLY A 426 -2.33 1.96 15.38
N GLN A 427 -1.72 3.09 15.01
CA GLN A 427 -0.83 3.86 15.91
C GLN A 427 -1.71 4.89 16.58
N TRP A 428 -2.48 4.42 17.56
CA TRP A 428 -3.58 5.16 18.12
C TRP A 428 -3.72 4.61 19.52
N ASP A 429 -3.60 5.42 20.57
CA ASP A 429 -3.83 4.96 21.92
C ASP A 429 -5.30 5.25 22.24
N ARG A 430 -6.12 4.33 21.76
CA ARG A 430 -7.59 4.36 21.85
C ARG A 430 -8.13 3.85 23.19
N LYS A 431 -8.87 4.64 23.95
CA LYS A 431 -9.22 4.19 25.29
C LYS A 431 -10.70 4.22 25.59
N ASP A 432 -11.46 4.77 24.63
CA ASP A 432 -12.91 4.91 24.79
C ASP A 432 -13.72 3.65 24.66
N ILE A 433 -13.19 2.50 24.21
CA ILE A 433 -13.97 1.25 24.11
C ILE A 433 -13.10 0.20 24.74
N LYS A 434 -13.57 -0.91 25.30
CA LYS A 434 -12.68 -1.92 25.85
C LYS A 434 -12.36 -2.82 24.68
N LYS A 435 -11.34 -3.68 24.76
CA LYS A 435 -11.11 -4.55 23.61
C LYS A 435 -12.26 -5.57 23.57
N GLY A 436 -12.69 -5.94 22.37
CA GLY A 436 -13.80 -6.83 22.20
C GLY A 436 -15.11 -6.06 22.24
N GLU A 437 -15.13 -4.76 22.46
CA GLU A 437 -16.39 -4.04 22.47
C GLU A 437 -16.78 -3.68 21.05
N LYS A 438 -17.96 -4.11 20.66
CA LYS A 438 -18.53 -3.87 19.35
C LYS A 438 -18.79 -2.38 19.23
N ASN A 439 -18.27 -1.72 18.20
CA ASN A 439 -18.52 -0.29 18.01
C ASN A 439 -18.26 0.05 16.54
N THR A 440 -18.69 1.24 16.11
CA THR A 440 -18.53 1.74 14.75
C THR A 440 -17.74 3.06 14.71
N ILE A 441 -16.70 3.09 13.84
CA ILE A 441 -15.96 4.32 13.52
C ILE A 441 -16.06 4.52 12.01
N VAL A 442 -16.14 5.76 11.52
CA VAL A 442 -16.12 6.00 10.09
C VAL A 442 -14.89 6.86 9.74
N THR A 443 -14.18 6.49 8.68
CA THR A 443 -12.94 7.14 8.30
C THR A 443 -12.93 7.65 6.86
N SER A 444 -11.99 8.50 6.45
CA SER A 444 -11.81 8.77 5.05
C SER A 444 -10.53 8.05 4.65
N TYR A 445 -10.29 6.85 5.17
CA TYR A 445 -9.08 6.11 4.86
C TYR A 445 -9.33 5.17 3.68
N ASN A 446 -8.78 3.96 3.66
CA ASN A 446 -8.92 3.07 2.52
C ASN A 446 -9.11 1.61 2.98
N ARG A 447 -8.23 0.92 3.69
CA ARG A 447 -8.47 -0.43 4.18
C ARG A 447 -9.22 -0.34 5.50
N ASN A 448 -10.05 -1.35 5.75
CA ASN A 448 -10.85 -1.42 6.96
C ASN A 448 -10.91 -2.84 7.47
N PHE A 449 -9.81 -3.56 7.27
CA PHE A 449 -9.66 -4.94 7.73
C PHE A 449 -9.67 -5.07 9.26
N THR A 450 -10.11 -6.21 9.77
CA THR A 450 -10.21 -6.52 11.19
C THR A 450 -9.01 -6.16 12.05
N GLY A 451 -9.33 -5.28 13.01
CA GLY A 451 -8.39 -4.84 14.02
C GLY A 451 -7.26 -3.95 13.52
N ARG A 452 -7.33 -3.35 12.34
CA ARG A 452 -6.24 -2.56 11.80
C ARG A 452 -6.12 -1.19 12.42
N ASN A 453 -7.21 -0.57 12.84
CA ASN A 453 -7.14 0.78 13.39
C ASN A 453 -6.91 0.84 14.88
N ASP A 454 -7.31 -0.20 15.61
CA ASP A 454 -7.24 -0.14 17.05
C ASP A 454 -7.04 -1.50 17.68
N ALA A 455 -6.66 -2.49 16.87
CA ALA A 455 -6.51 -3.88 17.28
C ALA A 455 -7.76 -4.48 17.90
N ASN A 456 -8.94 -3.88 17.80
CA ASN A 456 -10.13 -4.48 18.33
C ASN A 456 -10.87 -5.11 17.15
N PRO A 457 -10.96 -6.44 17.06
CA PRO A 457 -11.75 -7.15 16.05
C PRO A 457 -13.22 -6.79 15.90
N GLU A 458 -13.81 -6.20 16.95
CA GLU A 458 -15.20 -5.83 16.90
C GLU A 458 -15.45 -4.39 16.46
N THR A 459 -14.41 -3.64 16.10
CA THR A 459 -14.64 -2.29 15.59
C THR A 459 -15.02 -2.45 14.12
N HIS A 460 -16.13 -1.81 13.79
CA HIS A 460 -16.75 -1.85 12.49
C HIS A 460 -16.26 -0.58 11.85
N ALA A 461 -15.35 -0.64 10.88
CA ALA A 461 -14.84 0.57 10.30
C ALA A 461 -15.33 0.74 8.88
N PHE A 462 -15.97 1.86 8.58
CA PHE A 462 -16.53 2.20 7.29
C PHE A 462 -15.63 3.26 6.66
N VAL A 463 -15.27 3.21 5.36
CA VAL A 463 -14.44 4.24 4.76
C VAL A 463 -15.34 5.02 3.81
N THR A 464 -15.24 6.33 3.84
CA THR A 464 -15.99 7.20 2.99
C THR A 464 -15.14 8.45 2.66
N SER A 465 -15.74 9.53 2.15
CA SER A 465 -15.05 10.76 1.85
C SER A 465 -14.97 11.64 3.11
N PRO A 466 -14.02 12.60 3.22
CA PRO A 466 -13.88 13.45 4.39
C PRO A 466 -15.11 14.30 4.68
N GLU A 467 -15.79 14.90 3.71
CA GLU A 467 -17.01 15.67 3.94
C GLU A 467 -18.14 14.80 4.46
N ILE A 468 -18.27 13.53 4.08
CA ILE A 468 -19.30 12.71 4.65
C ILE A 468 -18.87 12.31 6.06
N VAL A 469 -17.59 12.00 6.39
CA VAL A 469 -17.19 11.70 7.77
C VAL A 469 -17.56 12.90 8.62
N THR A 470 -17.30 14.13 8.21
CA THR A 470 -17.65 15.29 8.98
C THR A 470 -19.16 15.38 9.22
N ALA A 471 -20.00 15.22 8.19
CA ALA A 471 -21.45 15.25 8.35
C ALA A 471 -21.92 14.18 9.32
N LEU A 472 -21.46 12.94 9.18
CA LEU A 472 -21.84 11.86 10.09
C LEU A 472 -21.27 12.04 11.49
N ALA A 473 -20.14 12.73 11.71
CA ALA A 473 -19.58 12.94 13.06
C ALA A 473 -20.41 13.97 13.83
N ILE A 474 -20.94 14.95 13.10
CA ILE A 474 -21.85 15.94 13.64
C ILE A 474 -23.15 15.22 14.03
N ALA A 475 -23.72 14.35 13.18
CA ALA A 475 -24.93 13.64 13.55
C ALA A 475 -24.73 12.52 14.58
N GLY A 476 -23.60 11.85 14.55
CA GLY A 476 -23.23 10.83 15.51
C GLY A 476 -23.81 9.48 15.20
N THR A 477 -24.47 9.35 14.06
CA THR A 477 -25.13 8.12 13.69
C THR A 477 -25.08 7.90 12.19
N LEU A 478 -25.02 6.61 11.83
CA LEU A 478 -25.10 6.17 10.44
C LEU A 478 -26.46 6.44 9.82
N LYS A 479 -27.48 6.44 10.66
CA LYS A 479 -28.84 6.75 10.23
C LYS A 479 -28.97 8.26 10.04
N PHE A 480 -28.15 8.84 9.17
CA PHE A 480 -28.21 10.25 8.86
C PHE A 480 -27.72 10.32 7.43
N ASN A 481 -28.56 10.88 6.57
CA ASN A 481 -28.14 11.07 5.20
C ASN A 481 -28.03 12.56 4.98
N PRO A 482 -26.81 13.09 4.78
CA PRO A 482 -26.52 14.51 4.67
C PRO A 482 -27.34 15.20 3.59
N GLU A 483 -27.64 14.45 2.51
CA GLU A 483 -28.42 15.01 1.43
C GLU A 483 -29.88 15.15 1.81
N THR A 484 -30.48 14.31 2.65
CA THR A 484 -31.90 14.46 2.86
C THR A 484 -32.35 15.00 4.20
N ASP A 485 -31.63 14.59 5.25
CA ASP A 485 -32.05 14.84 6.59
C ASP A 485 -31.65 16.15 7.21
N PHE A 486 -32.41 16.46 8.26
CA PHE A 486 -32.34 17.68 9.04
C PHE A 486 -31.71 17.51 10.41
N LEU A 487 -30.86 18.45 10.82
CA LEU A 487 -30.31 18.49 12.16
C LEU A 487 -31.12 19.53 12.93
N THR A 488 -31.07 19.61 14.25
CA THR A 488 -31.80 20.66 14.93
C THR A 488 -30.74 21.56 15.53
N GLY A 489 -30.71 22.85 15.22
CA GLY A 489 -29.73 23.74 15.80
C GLY A 489 -30.03 23.98 17.28
N LYS A 490 -29.14 24.80 17.82
CA LYS A 490 -29.18 25.23 19.20
C LYS A 490 -30.49 25.97 19.50
N ASP A 491 -30.85 26.83 18.55
CA ASP A 491 -32.02 27.70 18.55
C ASP A 491 -33.35 26.98 18.36
N GLY A 492 -33.35 25.67 18.17
CA GLY A 492 -34.59 24.94 17.98
C GLY A 492 -34.92 24.75 16.51
N LYS A 493 -34.40 25.51 15.53
CA LYS A 493 -34.75 25.23 14.14
C LYS A 493 -34.05 24.02 13.48
N LYS A 494 -34.84 23.29 12.68
CA LYS A 494 -34.33 22.16 11.90
C LYS A 494 -33.58 22.79 10.75
N PHE A 495 -32.44 22.25 10.35
CA PHE A 495 -31.71 22.81 9.23
C PHE A 495 -31.09 21.66 8.46
N LYS A 496 -30.81 21.95 7.19
CA LYS A 496 -30.19 20.97 6.33
C LYS A 496 -28.80 21.42 5.90
N LEU A 497 -27.88 20.46 5.77
CA LEU A 497 -26.54 20.75 5.30
C LEU A 497 -26.50 20.97 3.78
N GLU A 498 -25.90 22.08 3.39
CA GLU A 498 -25.63 22.46 2.02
C GLU A 498 -24.38 21.66 1.63
N ALA A 499 -24.36 21.24 0.38
CA ALA A 499 -23.26 20.46 -0.18
C ALA A 499 -22.00 21.29 -0.11
N PRO A 500 -20.86 20.73 0.27
CA PRO A 500 -19.67 21.53 0.49
C PRO A 500 -19.09 22.01 -0.83
N ASP A 501 -18.61 23.23 -0.82
CA ASP A 501 -17.87 23.74 -1.95
C ASP A 501 -16.62 24.39 -1.35
N ALA A 502 -15.48 24.25 -2.01
CA ALA A 502 -14.22 24.80 -1.53
C ALA A 502 -13.19 24.82 -2.65
N ASP A 503 -12.11 25.59 -2.53
CA ASP A 503 -11.09 25.65 -3.58
C ASP A 503 -10.27 24.38 -3.65
N GLU A 504 -9.83 23.99 -4.85
CA GLU A 504 -9.05 22.79 -4.98
C GLU A 504 -7.65 23.06 -4.49
N LEU A 505 -7.16 24.28 -4.62
CA LEU A 505 -5.78 24.64 -4.28
C LEU A 505 -5.86 26.02 -3.62
N PRO A 506 -4.86 26.48 -2.82
CA PRO A 506 -4.92 27.77 -2.18
C PRO A 506 -4.82 28.86 -3.23
N ARG A 507 -5.59 29.92 -3.05
CA ARG A 507 -5.54 31.08 -3.92
C ARG A 507 -4.17 31.69 -3.86
N ALA A 508 -3.69 31.76 -2.63
CA ALA A 508 -2.34 32.24 -2.39
C ALA A 508 -1.42 31.06 -2.63
N GLU A 509 -0.14 31.17 -2.36
CA GLU A 509 0.69 29.99 -2.52
C GLU A 509 0.56 29.07 -1.31
N PHE A 510 1.11 27.89 -1.41
CA PHE A 510 1.13 26.97 -0.28
C PHE A 510 2.15 27.54 0.68
N ASP A 511 1.94 27.41 1.99
CA ASP A 511 2.93 27.83 2.95
C ASP A 511 3.66 26.51 3.18
N PRO A 512 4.96 26.43 2.96
CA PRO A 512 5.70 25.20 3.10
C PRO A 512 5.84 24.67 4.51
N GLY A 513 5.53 25.46 5.52
CA GLY A 513 5.68 25.03 6.92
C GLY A 513 7.15 24.94 7.31
N GLN A 514 7.48 24.19 8.36
CA GLN A 514 8.87 24.13 8.78
C GLN A 514 9.73 23.18 7.95
N ASP A 515 11.04 23.44 8.03
CA ASP A 515 12.11 22.70 7.34
C ASP A 515 12.07 21.22 7.72
N THR A 516 11.87 20.26 6.82
CA THR A 516 11.87 18.90 7.31
C THR A 516 12.70 17.96 6.48
N TYR A 517 13.31 18.41 5.40
CA TYR A 517 14.10 17.53 4.56
C TYR A 517 15.55 17.59 4.97
N GLN A 518 16.24 16.48 4.91
CA GLN A 518 17.65 16.41 5.21
C GLN A 518 18.36 15.79 4.00
N HIS A 519 19.14 16.56 3.25
CA HIS A 519 19.82 16.05 2.08
C HIS A 519 21.06 15.24 2.48
N PRO A 520 21.48 14.16 1.79
CA PRO A 520 22.71 13.46 2.08
C PRO A 520 23.93 14.34 1.82
N PRO A 521 25.01 14.32 2.61
CA PRO A 521 26.29 14.92 2.24
C PRO A 521 26.76 14.03 1.12
N LYS A 522 26.90 14.45 -0.12
CA LYS A 522 27.36 13.47 -1.12
C LYS A 522 28.79 13.60 -1.62
N ASP A 523 29.33 14.38 -0.70
CA ASP A 523 30.70 14.69 -0.45
C ASP A 523 30.91 13.67 0.68
N SER A 524 31.58 14.09 1.74
CA SER A 524 31.89 13.33 2.94
C SER A 524 31.32 11.93 3.26
N SER A 525 30.02 11.68 3.48
CA SER A 525 29.47 10.32 3.75
C SER A 525 30.24 9.33 4.64
N GLY A 526 31.12 9.83 5.54
CA GLY A 526 31.88 9.00 6.48
C GLY A 526 31.05 8.50 7.67
N GLN A 527 29.75 8.23 7.49
CA GLN A 527 28.91 7.70 8.54
C GLN A 527 29.19 6.24 8.84
N ARG A 528 29.17 6.00 10.16
CA ARG A 528 29.20 4.68 10.73
C ARG A 528 27.74 4.44 11.03
N VAL A 529 27.13 3.43 10.48
CA VAL A 529 25.79 3.08 10.92
C VAL A 529 26.00 2.16 12.13
N ASP A 530 25.49 2.50 13.31
CA ASP A 530 25.64 1.61 14.47
C ASP A 530 24.33 0.92 14.79
N VAL A 531 24.40 -0.38 14.92
CA VAL A 531 23.25 -1.17 15.27
C VAL A 531 23.80 -1.88 16.51
N SER A 532 23.23 -1.61 17.68
CA SER A 532 23.72 -2.25 18.87
C SER A 532 23.41 -3.75 18.82
N PRO A 533 24.34 -4.64 19.23
CA PRO A 533 24.10 -6.06 19.23
C PRO A 533 23.11 -6.46 20.30
N THR A 534 22.74 -5.63 21.27
CA THR A 534 21.67 -5.95 22.22
C THR A 534 20.38 -5.21 21.95
N SER A 535 20.25 -4.52 20.81
CA SER A 535 19.06 -3.75 20.52
C SER A 535 17.88 -4.69 20.37
N GLN A 536 16.73 -4.23 20.85
CA GLN A 536 15.50 -4.96 20.69
C GLN A 536 14.78 -4.46 19.45
N ARG A 537 15.25 -3.38 18.81
CA ARG A 537 14.54 -2.83 17.65
C ARG A 537 15.22 -2.99 16.32
N LEU A 538 16.53 -3.23 16.31
CA LEU A 538 17.29 -3.35 15.10
C LEU A 538 18.22 -4.53 15.25
N GLN A 539 18.38 -5.31 14.17
CA GLN A 539 19.28 -6.42 14.18
C GLN A 539 19.82 -6.63 12.79
N LEU A 540 21.13 -6.78 12.60
CA LEU A 540 21.68 -7.09 11.29
C LEU A 540 21.27 -8.50 10.88
N LEU A 541 21.13 -8.66 9.56
CA LEU A 541 20.74 -9.92 8.98
C LEU A 541 21.90 -10.91 8.82
N GLU A 542 21.53 -12.16 9.03
CA GLU A 542 22.39 -13.29 8.80
C GLU A 542 21.72 -13.89 7.54
N PRO A 543 22.47 -14.23 6.48
CA PRO A 543 21.93 -14.77 5.23
C PRO A 543 21.19 -16.08 5.40
N PHE A 544 20.11 -16.28 4.66
CA PHE A 544 19.41 -17.54 4.67
C PHE A 544 20.27 -18.59 3.95
N ASP A 545 20.02 -19.86 4.27
CA ASP A 545 20.65 -21.05 3.72
C ASP A 545 20.34 -21.17 2.23
N LYS A 546 21.32 -21.64 1.46
CA LYS A 546 21.23 -21.93 0.04
C LYS A 546 20.37 -23.18 -0.08
N TRP A 547 19.73 -23.48 -1.22
CA TRP A 547 18.99 -24.72 -1.37
C TRP A 547 19.96 -25.92 -1.32
N ASP A 548 19.64 -27.01 -0.60
CA ASP A 548 20.48 -28.20 -0.45
C ASP A 548 20.56 -29.10 -1.68
N GLY A 549 19.76 -28.84 -2.70
CA GLY A 549 19.80 -29.59 -3.92
C GLY A 549 18.79 -30.72 -3.89
N LYS A 550 18.00 -30.80 -2.83
CA LYS A 550 17.08 -31.90 -2.70
C LYS A 550 15.64 -31.46 -2.71
N ASP A 551 14.78 -32.44 -3.02
CA ASP A 551 13.35 -32.22 -2.98
C ASP A 551 12.93 -32.05 -1.54
N LEU A 552 11.72 -31.60 -1.33
CA LEU A 552 11.27 -31.27 0.00
C LEU A 552 10.35 -32.39 0.42
N GLU A 553 10.87 -33.32 1.22
CA GLU A 553 10.07 -34.45 1.64
C GLU A 553 9.50 -34.32 3.03
N ASP A 554 8.28 -34.86 3.16
CA ASP A 554 7.63 -35.01 4.45
C ASP A 554 7.60 -33.76 5.28
N LEU A 555 7.05 -32.80 4.58
CA LEU A 555 6.84 -31.49 5.12
C LEU A 555 5.62 -31.52 6.03
N GLN A 556 5.76 -30.87 7.14
CA GLN A 556 4.68 -30.74 8.09
C GLN A 556 3.82 -29.56 7.70
N ILE A 557 2.49 -29.61 7.83
CA ILE A 557 1.66 -28.45 7.64
C ILE A 557 1.65 -27.64 8.92
N LEU A 558 2.18 -26.41 8.98
CA LEU A 558 2.04 -25.60 10.18
C LEU A 558 0.59 -25.20 10.36
N ILE A 559 -0.11 -24.74 9.32
CA ILE A 559 -1.49 -24.28 9.44
C ILE A 559 -2.11 -24.33 8.03
N LYS A 560 -3.36 -24.79 7.94
CA LYS A 560 -4.12 -24.73 6.70
C LYS A 560 -5.10 -23.64 7.09
N VAL A 561 -5.01 -22.53 6.37
CA VAL A 561 -5.80 -21.34 6.65
C VAL A 561 -7.11 -21.39 5.88
N LYS A 562 -8.11 -20.85 6.55
CA LYS A 562 -9.44 -20.80 6.02
C LYS A 562 -9.76 -19.38 5.57
N GLY A 563 -10.21 -19.12 4.35
CA GLY A 563 -10.71 -17.79 4.01
C GLY A 563 -9.65 -16.73 3.80
N LYS A 564 -10.03 -15.48 4.10
CA LYS A 564 -9.19 -14.30 3.87
C LYS A 564 -7.94 -14.29 4.74
N CYS A 565 -6.79 -14.09 4.11
CA CYS A 565 -5.56 -14.06 4.82
C CYS A 565 -4.69 -12.96 4.18
N THR A 566 -4.92 -11.78 4.68
CA THR A 566 -4.27 -10.50 4.43
C THR A 566 -2.83 -10.47 4.92
N THR A 567 -1.89 -9.59 4.53
CA THR A 567 -0.59 -9.50 5.22
C THR A 567 -0.76 -8.94 6.65
N ASP A 568 -1.86 -8.29 7.07
CA ASP A 568 -2.09 -7.93 8.47
C ASP A 568 -2.45 -9.21 9.27
N HIS A 569 -2.96 -10.28 8.65
CA HIS A 569 -3.16 -11.53 9.37
C HIS A 569 -1.82 -12.26 9.52
N ILE A 570 -0.96 -12.17 8.52
CA ILE A 570 0.32 -12.84 8.51
C ILE A 570 1.33 -12.12 9.39
N SER A 571 1.44 -10.82 9.36
CA SER A 571 2.38 -10.06 10.17
C SER A 571 1.67 -8.76 10.51
N ALA A 572 1.00 -8.78 11.67
CA ALA A 572 0.24 -7.67 12.17
C ALA A 572 1.10 -6.40 12.33
N ALA A 573 0.46 -5.24 12.29
CA ALA A 573 1.13 -3.98 12.49
C ALA A 573 0.79 -3.46 13.89
N GLY A 574 0.28 -2.22 14.07
CA GLY A 574 -0.01 -1.68 15.39
C GLY A 574 1.25 -1.77 16.25
N PRO A 575 1.23 -2.52 17.35
CA PRO A 575 2.36 -2.60 18.29
C PRO A 575 3.62 -3.27 17.84
N TRP A 576 3.44 -4.12 16.84
CA TRP A 576 4.51 -4.84 16.21
C TRP A 576 5.33 -3.92 15.33
N LEU A 577 4.90 -2.67 15.03
CA LEU A 577 5.75 -1.80 14.22
C LEU A 577 7.08 -1.46 14.91
N LYS A 578 7.09 -1.54 16.24
CA LYS A 578 8.28 -1.38 17.08
C LYS A 578 9.45 -2.28 16.69
N PHE A 579 9.11 -3.45 16.16
CA PHE A 579 10.13 -4.42 15.81
C PHE A 579 10.35 -4.53 14.32
N ARG A 580 9.94 -3.59 13.45
CA ARG A 580 10.16 -3.78 12.02
C ARG A 580 11.61 -3.82 11.61
N GLY A 581 12.64 -3.48 12.42
CA GLY A 581 14.02 -3.63 12.02
C GLY A 581 14.64 -4.83 12.72
N HIS A 582 13.84 -5.66 13.43
CA HIS A 582 14.38 -6.79 14.23
C HIS A 582 13.67 -8.09 13.80
N LEU A 583 14.24 -8.88 12.90
CA LEU A 583 13.53 -10.05 12.36
C LEU A 583 13.11 -11.09 13.38
N ASP A 584 13.99 -11.40 14.33
CA ASP A 584 13.63 -12.40 15.34
C ASP A 584 12.52 -11.92 16.25
N ASN A 585 12.48 -10.65 16.59
CA ASN A 585 11.44 -10.22 17.48
C ASN A 585 10.11 -10.05 16.82
N ILE A 586 10.07 -9.59 15.56
CA ILE A 586 8.79 -9.43 14.92
C ILE A 586 8.23 -10.79 14.50
N SER A 587 9.06 -11.82 14.31
CA SER A 587 8.57 -13.15 13.94
C SER A 587 7.68 -13.76 15.03
N ASN A 588 7.60 -13.15 16.23
CA ASN A 588 6.64 -13.61 17.23
C ASN A 588 5.22 -13.20 16.89
N ASN A 589 4.92 -12.49 15.80
CA ASN A 589 3.53 -12.31 15.42
C ASN A 589 3.12 -13.21 14.25
N LEU A 590 3.97 -14.12 13.77
CA LEU A 590 3.70 -14.91 12.59
C LEU A 590 2.37 -15.65 12.62
N LEU A 591 1.50 -15.20 11.69
CA LEU A 591 0.20 -15.80 11.42
C LEU A 591 -0.73 -15.86 12.58
N ILE A 592 -0.59 -14.93 13.54
CA ILE A 592 -1.46 -15.01 14.70
C ILE A 592 -2.88 -14.57 14.39
N GLY A 593 -3.15 -13.92 13.25
CA GLY A 593 -4.51 -13.53 12.96
C GLY A 593 -5.19 -14.55 12.04
N ALA A 594 -4.50 -15.50 11.42
CA ALA A 594 -5.13 -16.37 10.44
C ALA A 594 -6.07 -17.34 11.10
N ILE A 595 -7.15 -17.77 10.45
CA ILE A 595 -8.11 -18.68 11.06
C ILE A 595 -7.68 -20.08 10.64
N ASN A 596 -7.47 -20.97 11.61
CA ASN A 596 -7.11 -22.37 11.38
C ASN A 596 -8.38 -23.13 10.97
N SER A 597 -8.38 -23.87 9.86
CA SER A 597 -9.58 -24.59 9.44
C SER A 597 -9.87 -25.69 10.46
N GLU A 598 -8.87 -26.28 11.15
CA GLU A 598 -9.11 -27.33 12.12
C GLU A 598 -10.05 -26.92 13.24
N ASN A 599 -9.95 -25.73 13.77
CA ASN A 599 -10.80 -25.38 14.88
C ASN A 599 -11.48 -24.07 14.73
N ARG A 600 -11.26 -23.36 13.63
CA ARG A 600 -11.81 -22.04 13.37
C ARG A 600 -11.27 -21.00 14.33
N LYS A 601 -10.12 -21.20 14.93
CA LYS A 601 -9.56 -20.21 15.83
C LYS A 601 -8.30 -19.60 15.28
N ALA A 602 -8.07 -18.37 15.70
CA ALA A 602 -6.86 -17.62 15.44
C ALA A 602 -5.77 -17.94 16.48
N ASN A 603 -4.52 -18.10 16.06
CA ASN A 603 -3.40 -18.41 16.90
C ASN A 603 -3.55 -19.66 17.76
N SER A 604 -4.12 -20.76 17.25
CA SER A 604 -4.23 -21.99 17.99
C SER A 604 -4.09 -23.15 17.03
N VAL A 605 -2.90 -23.72 16.93
CA VAL A 605 -2.66 -24.83 16.05
C VAL A 605 -2.07 -25.98 16.86
N ARG A 606 -2.31 -27.15 16.36
CA ARG A 606 -1.86 -28.37 16.97
C ARG A 606 -0.37 -28.59 16.72
N ASN A 607 0.42 -28.69 17.79
CA ASN A 607 1.80 -29.12 17.67
C ASN A 607 1.77 -30.62 17.37
N ALA A 608 2.28 -31.11 16.22
CA ALA A 608 2.25 -32.53 15.85
C ALA A 608 3.01 -33.51 16.74
N VAL A 609 3.99 -33.00 17.48
CA VAL A 609 4.84 -33.80 18.34
C VAL A 609 4.25 -33.87 19.73
N THR A 610 3.86 -32.74 20.31
CA THR A 610 3.38 -32.73 21.68
C THR A 610 1.89 -32.90 21.77
N GLN A 611 1.16 -32.62 20.70
CA GLN A 611 -0.29 -32.73 20.66
C GLN A 611 -1.00 -31.79 21.60
N GLU A 612 -0.34 -30.66 21.75
CA GLU A 612 -0.96 -29.58 22.48
C GLU A 612 -1.28 -28.52 21.45
N PHE A 613 -2.39 -27.79 21.63
CA PHE A 613 -2.72 -26.69 20.73
C PHE A 613 -2.09 -25.45 21.34
N GLY A 614 -1.42 -24.65 20.53
CA GLY A 614 -0.77 -23.46 21.01
C GLY A 614 -0.59 -22.40 19.93
N PRO A 615 0.06 -21.27 20.28
CA PRO A 615 0.36 -20.18 19.37
C PRO A 615 1.15 -20.61 18.15
N VAL A 616 0.84 -20.01 17.00
CA VAL A 616 1.52 -20.36 15.77
C VAL A 616 3.01 -20.04 15.83
N PRO A 617 3.52 -18.87 16.27
CA PRO A 617 4.97 -18.56 16.29
C PRO A 617 5.77 -19.59 17.08
N ASP A 618 5.22 -19.93 18.24
CA ASP A 618 5.82 -20.90 19.16
C ASP A 618 5.91 -22.26 18.57
N THR A 619 4.85 -22.66 17.86
CA THR A 619 4.86 -23.96 17.20
C THR A 619 5.88 -23.99 16.04
N ALA A 620 5.98 -22.92 15.22
CA ALA A 620 6.96 -22.86 14.16
C ALA A 620 8.36 -22.87 14.76
N ARG A 621 8.64 -22.17 15.85
CA ARG A 621 9.99 -22.22 16.42
C ARG A 621 10.29 -23.62 16.96
N TYR A 622 9.31 -24.32 17.56
CA TYR A 622 9.50 -25.69 18.00
C TYR A 622 9.86 -26.55 16.82
N TYR A 623 9.14 -26.46 15.69
CA TYR A 623 9.50 -27.25 14.53
C TYR A 623 10.88 -26.92 14.02
N LYS A 624 11.25 -25.65 13.95
CA LYS A 624 12.57 -25.27 13.49
C LYS A 624 13.65 -25.80 14.43
N GLN A 625 13.47 -25.74 15.76
CA GLN A 625 14.42 -26.26 16.74
C GLN A 625 14.64 -27.74 16.49
N HIS A 626 13.58 -28.45 16.16
CA HIS A 626 13.67 -29.87 15.97
C HIS A 626 13.89 -30.34 14.55
N GLY A 627 14.17 -29.45 13.58
CA GLY A 627 14.44 -29.85 12.22
C GLY A 627 13.21 -30.30 11.44
N ILE A 628 12.01 -29.90 11.81
CA ILE A 628 10.81 -30.22 11.06
C ILE A 628 10.54 -29.05 10.06
N ARG A 629 10.65 -29.27 8.75
CA ARG A 629 10.39 -28.25 7.73
C ARG A 629 8.89 -28.15 7.50
N TRP A 630 8.32 -26.97 7.38
CA TRP A 630 6.90 -26.83 7.31
C TRP A 630 6.41 -25.96 6.15
N VAL A 631 5.10 -26.05 6.00
CA VAL A 631 4.36 -25.48 4.87
C VAL A 631 3.14 -24.78 5.40
N VAL A 632 2.63 -23.77 4.69
CA VAL A 632 1.35 -23.15 4.98
C VAL A 632 0.46 -23.49 3.80
N ILE A 633 -0.81 -23.83 4.02
CA ILE A 633 -1.77 -24.12 2.94
C ILE A 633 -2.76 -22.98 3.01
N GLY A 634 -3.06 -22.20 1.97
CA GLY A 634 -3.98 -21.10 2.11
C GLY A 634 -5.05 -21.19 1.04
N ASP A 635 -5.98 -20.24 1.13
CA ASP A 635 -7.11 -20.19 0.25
C ASP A 635 -6.90 -19.19 -0.93
N GLU A 636 -7.86 -18.40 -1.36
CA GLU A 636 -7.79 -17.44 -2.47
C GLU A 636 -7.20 -16.12 -2.05
N ASN A 637 -6.47 -15.48 -2.96
CA ASN A 637 -5.91 -14.15 -2.74
C ASN A 637 -5.08 -14.03 -1.45
N TYR A 638 -4.23 -15.03 -1.22
CA TYR A 638 -3.43 -15.07 0.00
C TYR A 638 -2.40 -13.94 -0.06
N GLY A 639 -2.27 -13.20 1.02
CA GLY A 639 -1.28 -12.14 1.07
C GLY A 639 -1.83 -10.81 0.60
N GLU A 640 -3.15 -10.71 0.50
CA GLU A 640 -3.87 -9.50 0.17
C GLU A 640 -3.44 -8.34 1.05
N GLY A 641 -3.29 -7.12 0.50
CA GLY A 641 -3.05 -5.94 1.31
C GLY A 641 -1.68 -5.33 1.17
N SER A 642 -1.25 -4.88 2.34
CA SER A 642 0.02 -4.23 2.53
C SER A 642 1.16 -4.99 1.90
N SER A 643 2.20 -4.29 1.46
CA SER A 643 3.35 -4.91 0.79
C SER A 643 4.46 -5.42 1.72
N ARG A 644 4.33 -5.24 3.04
CA ARG A 644 5.35 -5.58 4.03
C ARG A 644 6.05 -6.91 3.75
N GLU A 645 7.34 -6.88 3.40
CA GLU A 645 8.06 -8.10 3.14
C GLU A 645 8.25 -8.93 4.39
N HIS A 646 7.95 -8.41 5.59
CA HIS A 646 8.05 -9.15 6.87
C HIS A 646 7.12 -10.37 6.78
N SER A 647 6.05 -10.32 5.96
CA SER A 647 5.19 -11.46 5.80
C SER A 647 5.84 -12.61 5.08
N ALA A 648 6.94 -12.36 4.38
CA ALA A 648 7.69 -13.41 3.72
C ALA A 648 8.98 -13.74 4.48
N LEU A 649 9.61 -12.74 5.11
CA LEU A 649 10.83 -12.92 5.86
C LEU A 649 10.58 -13.76 7.11
N GLU A 650 9.48 -13.51 7.80
CA GLU A 650 9.17 -14.22 9.01
C GLU A 650 8.93 -15.70 8.80
N PRO A 651 8.13 -16.25 7.84
CA PRO A 651 8.08 -17.68 7.62
C PRO A 651 9.44 -18.26 7.21
N ARG A 652 10.30 -17.56 6.45
CA ARG A 652 11.61 -18.11 6.09
C ARG A 652 12.48 -18.26 7.34
N PHE A 653 12.46 -17.26 8.18
CA PHE A 653 13.23 -17.23 9.39
C PHE A 653 12.82 -18.38 10.33
N LEU A 654 11.54 -18.64 10.51
CA LEU A 654 11.10 -19.69 11.39
C LEU A 654 10.99 -21.05 10.75
N GLY A 655 11.61 -21.29 9.61
CA GLY A 655 11.78 -22.62 9.08
C GLY A 655 10.81 -23.10 8.03
N GLY A 656 9.98 -22.21 7.49
CA GLY A 656 9.05 -22.52 6.42
C GLY A 656 9.77 -22.68 5.11
N ARG A 657 9.14 -23.45 4.25
CA ARG A 657 9.71 -23.80 2.98
C ARG A 657 8.78 -23.45 1.79
N ALA A 658 7.45 -23.52 1.93
CA ALA A 658 6.58 -23.32 0.80
C ALA A 658 5.25 -22.87 1.35
N ILE A 659 4.47 -22.15 0.52
CA ILE A 659 3.15 -21.65 0.87
C ILE A 659 2.37 -22.12 -0.34
N ILE A 660 1.31 -22.91 -0.17
CA ILE A 660 0.58 -23.48 -1.27
C ILE A 660 -0.82 -22.96 -1.10
N THR A 661 -1.38 -22.25 -2.09
CA THR A 661 -2.67 -21.58 -1.99
C THR A 661 -3.50 -21.75 -3.28
N LYS A 662 -4.77 -21.32 -3.27
CA LYS A 662 -5.53 -21.25 -4.51
C LYS A 662 -5.05 -20.05 -5.32
N SER A 663 -4.74 -18.90 -4.72
CA SER A 663 -4.10 -17.83 -5.48
C SER A 663 -3.40 -16.88 -4.54
N PHE A 664 -2.52 -16.06 -5.08
CA PHE A 664 -1.71 -15.10 -4.34
C PHE A 664 -2.03 -13.71 -4.78
N ALA A 665 -1.93 -12.76 -3.85
CA ALA A 665 -1.86 -11.36 -4.25
C ALA A 665 -0.44 -11.16 -4.75
N ARG A 666 -0.29 -10.27 -5.75
CA ARG A 666 0.96 -9.99 -6.46
C ARG A 666 2.18 -9.66 -5.64
N ILE A 667 2.10 -8.65 -4.80
CA ILE A 667 3.31 -8.24 -4.11
C ILE A 667 3.80 -9.34 -3.16
N HIS A 668 2.89 -10.03 -2.45
CA HIS A 668 3.30 -11.04 -1.50
C HIS A 668 3.95 -12.21 -2.22
N GLU A 669 3.44 -12.61 -3.38
CA GLU A 669 4.05 -13.69 -4.11
C GLU A 669 5.43 -13.33 -4.55
N THR A 670 5.65 -12.08 -4.97
CA THR A 670 7.01 -11.69 -5.30
C THR A 670 7.89 -11.70 -4.06
N ASN A 671 7.42 -11.20 -2.93
CA ASN A 671 8.22 -11.14 -1.71
C ASN A 671 8.56 -12.54 -1.28
N LEU A 672 7.68 -13.55 -1.46
CA LEU A 672 8.01 -14.94 -1.08
C LEU A 672 9.15 -15.50 -1.91
N LYS A 673 9.11 -15.29 -3.23
CA LYS A 673 10.17 -15.69 -4.14
C LYS A 673 11.48 -15.00 -3.81
N LYS A 674 11.44 -13.71 -3.49
CA LYS A 674 12.63 -12.95 -3.11
C LYS A 674 13.40 -13.50 -1.91
N GLN A 675 12.65 -14.05 -0.96
CA GLN A 675 13.19 -14.61 0.27
C GLN A 675 13.45 -16.09 0.24
N GLY A 676 13.44 -16.71 -0.96
CA GLY A 676 13.81 -18.11 -1.12
C GLY A 676 12.72 -19.13 -0.78
N LEU A 677 11.47 -18.70 -0.64
CA LEU A 677 10.36 -19.61 -0.40
C LEU A 677 9.71 -19.95 -1.73
N LEU A 678 8.94 -21.04 -1.73
CA LEU A 678 8.23 -21.47 -2.89
C LEU A 678 6.76 -21.13 -2.80
N PRO A 679 6.27 -20.06 -3.47
CA PRO A 679 4.85 -19.79 -3.57
C PRO A 679 4.27 -20.63 -4.72
N LEU A 680 3.37 -21.56 -4.40
CA LEU A 680 2.82 -22.53 -5.38
C LEU A 680 1.31 -22.48 -5.38
N THR A 681 0.63 -22.65 -6.50
CA THR A 681 -0.82 -22.63 -6.47
C THR A 681 -1.31 -24.00 -6.95
N PHE A 682 -2.49 -24.42 -6.50
CA PHE A 682 -3.09 -25.67 -6.93
C PHE A 682 -3.38 -25.60 -8.41
N ALA A 683 -2.98 -26.58 -9.19
CA ALA A 683 -3.37 -26.64 -10.59
C ALA A 683 -4.88 -26.86 -10.61
N ASP A 684 -5.45 -27.62 -9.66
CA ASP A 684 -6.89 -27.66 -9.52
C ASP A 684 -7.22 -27.15 -8.14
N PRO A 685 -7.85 -25.98 -7.92
CA PRO A 685 -8.19 -25.47 -6.59
C PRO A 685 -9.04 -26.35 -5.69
N ALA A 686 -9.73 -27.38 -6.20
CA ALA A 686 -10.50 -28.25 -5.35
C ALA A 686 -9.55 -29.15 -4.58
N ASP A 687 -8.29 -29.28 -5.00
CA ASP A 687 -7.32 -30.04 -4.24
C ASP A 687 -7.02 -29.47 -2.87
N TYR A 688 -7.43 -28.25 -2.58
CA TYR A 688 -7.28 -27.70 -1.26
C TYR A 688 -8.03 -28.58 -0.26
N ASN A 689 -9.11 -29.18 -0.75
CA ASN A 689 -9.94 -30.03 0.11
C ASN A 689 -9.44 -31.43 0.34
N LYS A 690 -8.43 -31.83 -0.41
CA LYS A 690 -7.76 -33.12 -0.30
C LYS A 690 -6.74 -33.11 0.83
N ILE A 691 -6.28 -31.93 1.23
CA ILE A 691 -5.25 -31.82 2.24
C ILE A 691 -5.88 -31.50 3.57
N HIS A 692 -5.49 -32.33 4.53
CA HIS A 692 -5.94 -32.29 5.91
C HIS A 692 -4.74 -31.78 6.71
N PRO A 693 -4.91 -31.02 7.80
CA PRO A 693 -3.84 -30.59 8.70
C PRO A 693 -2.84 -31.66 9.10
N VAL A 694 -3.26 -32.92 9.13
CA VAL A 694 -2.42 -34.02 9.58
C VAL A 694 -1.49 -34.65 8.54
N ASP A 695 -1.71 -34.26 7.29
CA ASP A 695 -0.96 -34.80 6.18
C ASP A 695 0.46 -34.30 6.12
N LYS A 696 1.35 -35.09 5.57
CA LYS A 696 2.71 -34.67 5.33
C LYS A 696 2.77 -34.50 3.83
N LEU A 697 3.59 -33.58 3.31
CA LEU A 697 3.63 -33.37 1.88
C LEU A 697 5.03 -33.50 1.34
N THR A 698 5.17 -34.08 0.16
CA THR A 698 6.46 -34.07 -0.50
C THR A 698 6.33 -33.28 -1.81
N ILE A 699 7.21 -32.30 -2.04
CA ILE A 699 7.22 -31.51 -3.27
C ILE A 699 8.38 -32.11 -4.07
N GLN A 700 8.13 -32.66 -5.23
CA GLN A 700 9.16 -33.25 -6.03
C GLN A 700 9.39 -32.49 -7.31
N GLY A 701 10.57 -32.69 -7.87
CA GLY A 701 10.92 -32.09 -9.14
C GLY A 701 11.68 -30.78 -9.07
N LEU A 702 12.25 -30.46 -7.91
CA LEU A 702 12.99 -29.22 -7.77
C LEU A 702 14.28 -29.31 -8.56
N LYS A 703 14.75 -30.50 -8.88
CA LYS A 703 15.99 -30.64 -9.60
C LYS A 703 15.90 -30.16 -11.05
N ASP A 704 14.74 -30.26 -11.67
CA ASP A 704 14.60 -29.73 -13.02
C ASP A 704 13.45 -28.75 -13.05
N PHE A 705 13.48 -27.89 -12.04
CA PHE A 705 12.52 -26.80 -11.82
C PHE A 705 12.64 -25.93 -13.07
N ALA A 706 11.53 -25.59 -13.70
CA ALA A 706 11.60 -24.85 -14.95
C ALA A 706 10.37 -23.99 -15.10
N PRO A 707 10.48 -22.80 -15.74
CA PRO A 707 9.36 -21.94 -16.13
C PRO A 707 8.32 -22.79 -16.84
N GLY A 708 7.09 -22.68 -16.39
CA GLY A 708 5.98 -23.34 -17.07
C GLY A 708 5.83 -24.83 -16.78
N LYS A 709 6.74 -25.50 -16.11
CA LYS A 709 6.56 -26.90 -15.80
C LYS A 709 6.00 -26.97 -14.36
N PRO A 710 4.84 -27.58 -14.10
CA PRO A 710 4.33 -27.81 -12.74
C PRO A 710 5.20 -28.76 -11.89
N LEU A 711 5.05 -28.67 -10.57
CA LEU A 711 5.77 -29.49 -9.61
C LEU A 711 4.77 -30.51 -9.12
N THR A 712 5.23 -31.68 -8.71
CA THR A 712 4.32 -32.70 -8.23
C THR A 712 4.37 -32.68 -6.72
N CYS A 713 3.21 -32.82 -6.12
CA CYS A 713 3.07 -32.80 -4.70
C CYS A 713 2.45 -34.14 -4.37
N ILE A 714 3.06 -34.95 -3.49
CA ILE A 714 2.52 -36.22 -2.99
C ILE A 714 1.93 -35.92 -1.61
N ILE A 715 0.62 -36.03 -1.45
CA ILE A 715 -0.05 -35.87 -0.18
C ILE A 715 0.03 -37.22 0.52
N LYS A 716 0.76 -37.32 1.65
CA LYS A 716 0.89 -38.55 2.43
C LYS A 716 -0.11 -38.56 3.57
N HIS A 717 -1.14 -39.37 3.46
CA HIS A 717 -2.16 -39.43 4.48
C HIS A 717 -1.70 -40.42 5.55
N PRO A 718 -2.08 -40.24 6.82
CA PRO A 718 -1.55 -40.95 7.99
C PRO A 718 -1.83 -42.45 7.91
N ASN A 719 -3.05 -42.75 7.48
CA ASN A 719 -3.50 -44.11 7.21
C ASN A 719 -2.73 -44.79 6.08
N GLY A 720 -1.72 -44.19 5.45
CA GLY A 720 -0.97 -44.83 4.41
C GLY A 720 -1.40 -44.43 3.01
N THR A 721 -2.60 -43.89 2.74
CA THR A 721 -2.97 -43.49 1.39
C THR A 721 -2.11 -42.34 0.90
N GLN A 722 -1.71 -42.32 -0.35
CA GLN A 722 -0.97 -41.23 -0.93
C GLN A 722 -1.78 -40.69 -2.10
N GLU A 723 -1.73 -39.41 -2.47
CA GLU A 723 -2.43 -38.92 -3.65
C GLU A 723 -1.42 -37.96 -4.28
N THR A 724 -1.28 -37.90 -5.59
CA THR A 724 -0.37 -36.98 -6.23
C THR A 724 -1.23 -35.91 -6.86
N ILE A 725 -0.82 -34.64 -6.67
CA ILE A 725 -1.48 -33.50 -7.28
C ILE A 725 -0.37 -32.66 -7.88
N LEU A 726 -0.73 -31.71 -8.74
CA LEU A 726 0.23 -30.86 -9.44
C LEU A 726 0.10 -29.43 -8.97
N LEU A 727 1.22 -28.75 -8.89
CA LEU A 727 1.20 -27.41 -8.35
C LEU A 727 1.85 -26.51 -9.37
N ASN A 728 1.22 -25.39 -9.66
CA ASN A 728 1.78 -24.44 -10.61
C ASN A 728 2.59 -23.39 -9.87
N HIS A 729 3.47 -22.72 -10.57
CA HIS A 729 4.33 -21.67 -10.05
C HIS A 729 4.52 -20.60 -11.14
N THR A 730 4.92 -19.38 -10.90
CA THR A 730 5.13 -18.38 -11.93
C THR A 730 6.59 -17.98 -12.05
N PHE A 731 7.50 -18.83 -11.61
CA PHE A 731 8.93 -18.52 -11.71
C PHE A 731 9.47 -18.49 -13.13
N ASN A 732 10.33 -17.51 -13.44
CA ASN A 732 11.07 -17.47 -14.69
C ASN A 732 12.52 -17.87 -14.35
N GLU A 733 13.55 -17.87 -15.21
CA GLU A 733 14.81 -18.40 -14.73
C GLU A 733 15.57 -17.50 -13.76
N THR A 734 15.31 -16.21 -13.77
CA THR A 734 15.88 -15.24 -12.85
C THR A 734 15.48 -15.64 -11.44
N GLN A 735 14.18 -15.91 -11.33
CA GLN A 735 13.61 -16.25 -10.05
C GLN A 735 14.00 -17.63 -9.54
N ILE A 736 14.19 -18.64 -10.40
CA ILE A 736 14.67 -19.91 -9.96
C ILE A 736 16.09 -19.73 -9.39
N GLU A 737 16.92 -18.85 -9.94
CA GLU A 737 18.19 -18.56 -9.32
C GLU A 737 18.06 -18.00 -7.89
N TRP A 738 17.09 -17.18 -7.54
CA TRP A 738 16.90 -16.67 -6.18
C TRP A 738 16.63 -17.85 -5.24
N PHE A 739 15.73 -18.73 -5.68
CA PHE A 739 15.44 -19.95 -4.94
C PHE A 739 16.69 -20.79 -4.75
N ARG A 740 17.45 -21.16 -5.79
CA ARG A 740 18.65 -22.00 -5.63
C ARG A 740 19.66 -21.33 -4.70
N ALA A 741 19.89 -20.01 -4.76
CA ALA A 741 20.79 -19.31 -3.86
C ALA A 741 20.29 -19.16 -2.44
N GLY A 742 19.03 -19.36 -2.13
CA GLY A 742 18.55 -19.18 -0.79
C GLY A 742 17.79 -17.89 -0.65
N SER A 743 18.04 -16.89 -1.48
CA SER A 743 17.29 -15.64 -1.52
C SER A 743 17.83 -14.80 -2.69
N ALA A 744 17.14 -13.71 -3.06
CA ALA A 744 17.59 -12.85 -4.13
C ALA A 744 18.82 -12.08 -3.67
N LEU A 745 18.89 -11.67 -2.41
CA LEU A 745 20.06 -11.00 -1.88
C LEU A 745 21.27 -11.95 -1.92
N ASN A 746 21.13 -13.25 -1.65
CA ASN A 746 22.25 -14.18 -1.71
C ASN A 746 22.77 -14.33 -3.14
N ARG A 747 21.86 -14.35 -4.12
CA ARG A 747 22.20 -14.46 -5.52
C ARG A 747 22.96 -13.21 -5.95
N MET A 748 22.49 -12.02 -5.55
CA MET A 748 23.15 -10.78 -5.86
C MET A 748 24.56 -10.77 -5.27
N LYS A 749 24.71 -11.16 -4.02
CA LYS A 749 26.03 -11.25 -3.47
C LYS A 749 26.81 -12.33 -4.18
N GLU A 750 26.31 -13.40 -4.78
CA GLU A 750 27.18 -14.30 -5.53
C GLU A 750 27.72 -13.61 -6.77
N LEU A 751 26.93 -12.78 -7.46
CA LEU A 751 27.38 -12.05 -8.64
C LEU A 751 28.49 -11.03 -8.43
N GLN A 752 28.73 -10.65 -7.18
CA GLN A 752 29.83 -9.78 -6.81
C GLN A 752 31.17 -10.55 -6.75
N GLN A 753 31.36 -11.56 -7.59
CA GLN A 753 32.55 -12.40 -7.79
C GLN A 753 33.21 -13.11 -6.62
N LYS A 754 32.41 -13.20 -5.57
CA LYS A 754 32.82 -13.84 -4.34
C LYS A 754 31.56 -14.42 -3.70
#